data_1YQX
#
_entry.id   1YQX
#
_cell.length_a   76.362
_cell.length_b   138.165
_cell.length_c   67.629
_cell.angle_alpha   90.00
_cell.angle_beta   90.00
_cell.angle_gamma   90.00
#
_symmetry.space_group_name_H-M   'P 21 21 2'
#
loop_
_entity.id
_entity.type
_entity.pdbx_description
1 polymer 'sinapyl alcohol dehydrogenase'
2 non-polymer 'ZINC ION'
3 non-polymer 'NADP NICOTINAMIDE-ADENINE-DINUCLEOTIDE PHOSPHATE'
4 water water
#
_entity_poly.entity_id   1
_entity_poly.type   'polypeptide(L)'
_entity_poly.pdbx_seq_one_letter_code
;GSHGMSKSPEEEHPVKAFGWAARDQSGHLSPFNFSRRATGEEDVRFKVLYCGVCHSDLHSIKNDWGFSMYPLVPGHEIVG
EVTEVGSKVKKVNVGDKVGVGCLVGACHSCESCANDLENYCPKMILTYASIYHDGTITYGGYSNHMVANERYIIRFPDNM
PLDGGAPLLCAGITVYSPLKYFGLDEPGKHIGIVGLGGLGHVAVKFAKAFGSKVTVISTSPSKKEEALKNFGADSFLVSR
DQEQMQAAAGTLDGIIDTVSAVHPLLPLFGLLKSHGKLILVGAPEKPLELPAFSLIAGRKIVAGSGIGGMKETQEMIDFA
AKHNITADIEVISTDYLNTAMERLAKNDVRYRFVIDVGNTLAATKP
;
_entity_poly.pdbx_strand_id   A,B
#
loop_
_chem_comp.id
_chem_comp.type
_chem_comp.name
_chem_comp.formula
NAP non-polymer 'NADP NICOTINAMIDE-ADENINE-DINUCLEOTIDE PHOSPHATE' 'C21 H28 N7 O17 P3'
ZN non-polymer 'ZINC ION' 'Zn 2'
#
# COMPACT_ATOMS: atom_id res chain seq x y z
N SER A 8 25.28 -18.88 31.67
CA SER A 8 25.88 -18.84 30.31
C SER A 8 25.04 -19.67 29.35
N PRO A 9 25.28 -19.53 28.03
CA PRO A 9 24.53 -20.29 27.04
C PRO A 9 24.96 -21.76 26.95
N GLU A 10 26.16 -22.06 27.42
CA GLU A 10 26.64 -23.44 27.38
C GLU A 10 25.91 -24.26 28.43
N GLU A 11 25.45 -23.60 29.50
CA GLU A 11 24.75 -24.29 30.58
C GLU A 11 23.23 -24.22 30.49
N GLU A 12 22.72 -23.32 29.65
CA GLU A 12 21.28 -23.12 29.52
C GLU A 12 20.42 -24.34 29.20
N HIS A 13 20.90 -25.22 28.32
CA HIS A 13 20.15 -26.42 27.97
C HIS A 13 21.02 -27.65 28.17
N PRO A 14 20.42 -28.84 28.18
CA PRO A 14 21.17 -30.09 28.38
C PRO A 14 22.14 -30.49 27.27
N VAL A 15 21.66 -30.56 26.05
CA VAL A 15 22.49 -30.95 24.90
C VAL A 15 23.39 -29.81 24.45
N LYS A 16 24.69 -30.11 24.35
CA LYS A 16 25.71 -29.13 23.94
C LYS A 16 25.58 -28.80 22.45
N ALA A 17 25.95 -27.56 22.11
CA ALA A 17 25.84 -27.10 20.73
C ALA A 17 27.01 -26.19 20.33
N PHE A 18 27.27 -26.09 19.02
CA PHE A 18 28.36 -25.28 18.49
C PHE A 18 28.01 -24.59 17.18
N GLY A 19 28.46 -23.34 17.04
CA GLY A 19 28.21 -22.58 15.84
C GLY A 19 28.97 -21.27 15.86
N TRP A 20 28.62 -20.37 14.94
CA TRP A 20 29.26 -19.06 14.84
C TRP A 20 28.27 -17.98 15.19
N ALA A 21 28.69 -17.05 16.04
CA ALA A 21 27.82 -15.96 16.45
C ALA A 21 28.51 -14.61 16.42
N ALA A 22 27.68 -13.57 16.39
CA ALA A 22 28.16 -12.20 16.43
C ALA A 22 27.97 -11.81 17.89
N ARG A 23 28.85 -10.98 18.42
CA ARG A 23 28.76 -10.56 19.81
C ARG A 23 28.33 -9.11 19.96
N ASP A 24 28.43 -8.33 18.89
CA ASP A 24 28.02 -6.92 18.91
C ASP A 24 27.66 -6.46 17.50
N GLN A 25 27.24 -5.22 17.34
CA GLN A 25 26.84 -4.75 16.03
C GLN A 25 27.92 -4.58 14.95
N SER A 26 29.11 -5.09 15.24
CA SER A 26 30.19 -5.05 14.25
C SER A 26 29.88 -6.21 13.30
N GLY A 27 28.97 -7.09 13.73
CA GLY A 27 28.57 -8.22 12.93
C GLY A 27 29.63 -9.31 12.75
N HIS A 28 30.75 -9.17 13.46
CA HIS A 28 31.84 -10.14 13.36
C HIS A 28 31.46 -11.52 13.94
N LEU A 29 31.51 -12.54 13.08
CA LEU A 29 31.17 -13.91 13.47
C LEU A 29 32.41 -14.72 13.84
N SER A 30 32.26 -15.59 14.84
CA SER A 30 33.36 -16.43 15.33
C SER A 30 32.79 -17.60 16.12
N PRO A 31 33.54 -18.70 16.23
CA PRO A 31 33.08 -19.88 16.99
C PRO A 31 32.37 -19.49 18.29
N PHE A 32 31.29 -20.20 18.58
CA PHE A 32 30.46 -19.95 19.76
C PHE A 32 29.89 -21.24 20.38
N ASN A 33 30.10 -21.40 21.68
CA ASN A 33 29.61 -22.57 22.41
C ASN A 33 28.27 -22.28 23.06
N PHE A 34 27.28 -23.09 22.77
CA PHE A 34 25.97 -22.89 23.37
C PHE A 34 25.32 -24.26 23.53
N SER A 35 24.00 -24.30 23.62
CA SER A 35 23.29 -25.55 23.79
C SER A 35 21.83 -25.41 23.39
N ARG A 36 21.17 -26.53 23.14
CA ARG A 36 19.76 -26.53 22.77
C ARG A 36 18.99 -27.51 23.66
N ARG A 37 17.70 -27.24 23.83
CA ARG A 37 16.85 -28.09 24.66
C ARG A 37 16.86 -29.55 24.23
N ALA A 38 16.48 -30.41 25.16
CA ALA A 38 16.39 -31.85 24.93
C ALA A 38 15.22 -32.11 23.98
N THR A 39 15.34 -33.18 23.20
CA THR A 39 14.32 -33.53 22.24
C THR A 39 13.04 -34.07 22.87
N GLY A 40 11.97 -33.28 22.78
CA GLY A 40 10.68 -33.66 23.34
C GLY A 40 9.82 -34.55 22.48
N GLU A 41 8.69 -34.97 23.04
CA GLU A 41 7.76 -35.86 22.35
C GLU A 41 7.38 -35.47 20.93
N GLU A 42 7.30 -34.17 20.65
CA GLU A 42 6.92 -33.71 19.31
C GLU A 42 8.04 -33.05 18.53
N ASP A 43 9.20 -32.90 19.15
CA ASP A 43 10.35 -32.28 18.51
C ASP A 43 10.99 -33.26 17.55
N VAL A 44 11.91 -32.74 16.74
CA VAL A 44 12.65 -33.52 15.77
C VAL A 44 14.05 -32.94 15.79
N ARG A 45 15.05 -33.81 15.94
CA ARG A 45 16.45 -33.40 16.00
C ARG A 45 17.18 -33.80 14.71
N PHE A 46 17.97 -32.88 14.17
CA PHE A 46 18.70 -33.20 12.95
C PHE A 46 20.05 -32.51 12.83
N LYS A 47 20.97 -33.17 12.16
CA LYS A 47 22.33 -32.66 11.94
C LYS A 47 22.27 -31.63 10.82
N VAL A 48 22.78 -30.43 11.08
CA VAL A 48 22.75 -29.41 10.06
C VAL A 48 23.75 -29.72 8.96
N LEU A 49 23.25 -29.95 7.75
CA LEU A 49 24.12 -30.21 6.62
C LEU A 49 24.44 -28.88 5.92
N TYR A 50 23.39 -28.15 5.56
CA TYR A 50 23.52 -26.87 4.87
C TYR A 50 22.67 -25.76 5.50
N CYS A 51 23.01 -24.52 5.16
CA CYS A 51 22.27 -23.35 5.62
C CYS A 51 22.57 -22.13 4.76
N GLY A 52 21.58 -21.70 3.98
CA GLY A 52 21.76 -20.56 3.11
C GLY A 52 21.96 -19.28 3.89
N VAL A 53 22.66 -18.32 3.28
CA VAL A 53 22.91 -17.05 3.92
C VAL A 53 21.95 -16.03 3.34
N CYS A 54 21.04 -15.57 4.20
CA CYS A 54 20.02 -14.61 3.81
C CYS A 54 20.47 -13.22 4.22
N HIS A 55 20.03 -12.20 3.48
CA HIS A 55 20.43 -10.84 3.83
C HIS A 55 19.91 -10.45 5.22
N SER A 56 18.92 -11.18 5.71
CA SER A 56 18.36 -10.91 7.04
C SER A 56 19.37 -11.26 8.12
N ASP A 57 20.23 -12.22 7.84
CA ASP A 57 21.28 -12.62 8.77
C ASP A 57 22.24 -11.44 8.88
N LEU A 58 22.45 -10.74 7.76
CA LEU A 58 23.33 -9.58 7.72
C LEU A 58 22.73 -8.43 8.50
N HIS A 59 21.50 -8.05 8.16
CA HIS A 59 20.82 -6.95 8.85
C HIS A 59 20.86 -7.17 10.37
N SER A 60 20.55 -8.40 10.80
CA SER A 60 20.51 -8.75 12.22
C SER A 60 21.82 -8.59 12.98
N ILE A 61 22.89 -9.18 12.47
CA ILE A 61 24.18 -9.07 13.16
C ILE A 61 24.72 -7.64 13.22
N LYS A 62 24.39 -6.83 12.20
CA LYS A 62 24.82 -5.42 12.16
C LYS A 62 23.84 -4.55 12.94
N ASN A 63 22.75 -5.16 13.42
CA ASN A 63 21.73 -4.46 14.20
C ASN A 63 21.02 -3.37 13.38
N ASP A 64 20.84 -3.60 12.08
CA ASP A 64 20.19 -2.65 11.19
C ASP A 64 18.80 -2.21 11.64
N TRP A 65 18.12 -3.08 12.37
CA TRP A 65 16.78 -2.75 12.83
C TRP A 65 16.73 -2.40 14.30
N GLY A 66 17.87 -2.48 14.98
CA GLY A 66 17.91 -2.17 16.39
C GLY A 66 16.98 -3.06 17.20
N PHE A 67 16.96 -4.33 16.87
CA PHE A 67 16.12 -5.33 17.54
C PHE A 67 17.00 -6.48 18.03
N SER A 68 18.16 -6.59 17.42
CA SER A 68 19.13 -7.64 17.72
C SER A 68 19.66 -7.72 19.13
N MET A 69 19.67 -8.92 19.66
CA MET A 69 20.22 -9.17 20.99
C MET A 69 21.37 -10.15 20.80
N TYR A 70 22.48 -9.91 21.49
CA TYR A 70 23.65 -10.76 21.37
C TYR A 70 23.94 -11.56 22.64
N PRO A 71 24.70 -12.66 22.52
CA PRO A 71 25.26 -13.17 21.27
C PRO A 71 24.18 -13.63 20.29
N LEU A 72 24.45 -13.46 19.00
CA LEU A 72 23.48 -13.82 17.98
C LEU A 72 24.05 -14.83 16.96
N VAL A 73 23.36 -15.95 16.81
CA VAL A 73 23.74 -17.00 15.88
C VAL A 73 22.71 -16.95 14.75
N PRO A 74 23.10 -16.47 13.56
CA PRO A 74 22.17 -16.39 12.43
C PRO A 74 21.90 -17.73 11.76
N GLY A 75 21.08 -17.69 10.71
CA GLY A 75 20.76 -18.89 9.96
C GLY A 75 19.35 -19.41 10.06
N HIS A 76 18.56 -19.24 9.01
CA HIS A 76 17.20 -19.74 9.00
C HIS A 76 16.77 -20.29 7.65
N GLU A 77 17.74 -20.91 6.96
CA GLU A 77 17.55 -21.57 5.68
C GLU A 77 18.33 -22.85 5.90
N ILE A 78 17.93 -23.56 6.94
CA ILE A 78 18.59 -24.78 7.39
C ILE A 78 18.13 -26.06 6.73
N VAL A 79 19.08 -26.92 6.41
CA VAL A 79 18.77 -28.21 5.80
C VAL A 79 19.67 -29.27 6.41
N GLY A 80 19.14 -30.47 6.61
CA GLY A 80 19.96 -31.52 7.20
C GLY A 80 19.34 -32.92 7.27
N GLU A 81 19.92 -33.74 8.13
CA GLU A 81 19.48 -35.11 8.31
C GLU A 81 18.96 -35.36 9.71
N VAL A 82 17.75 -35.91 9.78
CA VAL A 82 17.14 -36.22 11.07
C VAL A 82 17.96 -37.29 11.78
N THR A 83 18.21 -37.07 13.07
CA THR A 83 18.97 -38.03 13.84
C THR A 83 18.05 -38.70 14.86
N GLU A 84 17.36 -37.88 15.65
CA GLU A 84 16.46 -38.37 16.68
C GLU A 84 15.09 -37.68 16.67
N VAL A 85 14.04 -38.40 17.08
CA VAL A 85 12.70 -37.81 17.12
C VAL A 85 11.90 -38.32 18.32
N GLY A 86 11.03 -37.45 18.85
CA GLY A 86 10.21 -37.81 19.99
C GLY A 86 9.20 -38.88 19.68
N SER A 87 8.63 -39.46 20.73
CA SER A 87 7.64 -40.54 20.61
C SER A 87 6.38 -40.22 19.82
N LYS A 88 5.97 -38.96 19.78
CA LYS A 88 4.77 -38.62 19.04
C LYS A 88 5.00 -38.05 17.64
N VAL A 89 6.24 -38.11 17.16
CA VAL A 89 6.52 -37.61 15.83
C VAL A 89 5.86 -38.55 14.82
N LYS A 90 5.35 -38.00 13.73
CA LYS A 90 4.64 -38.82 12.75
C LYS A 90 5.04 -38.77 11.28
N LYS A 91 5.47 -37.61 10.80
CA LYS A 91 5.84 -37.47 9.38
C LYS A 91 7.32 -37.58 9.00
N VAL A 92 8.20 -37.78 9.99
CA VAL A 92 9.62 -37.90 9.69
C VAL A 92 10.29 -38.99 10.52
N ASN A 93 11.27 -39.67 9.93
CA ASN A 93 12.02 -40.72 10.62
C ASN A 93 13.49 -40.36 10.60
N VAL A 94 14.28 -41.07 11.39
CA VAL A 94 15.71 -40.84 11.43
C VAL A 94 16.25 -41.10 10.03
N GLY A 95 17.22 -40.29 9.61
CA GLY A 95 17.80 -40.46 8.28
C GLY A 95 17.14 -39.67 7.17
N ASP A 96 15.99 -39.09 7.49
CA ASP A 96 15.23 -38.29 6.51
C ASP A 96 15.85 -36.90 6.30
N LYS A 97 15.75 -36.39 5.08
CA LYS A 97 16.27 -35.07 4.77
C LYS A 97 15.17 -34.04 5.03
N VAL A 98 15.44 -33.13 5.97
CA VAL A 98 14.46 -32.13 6.35
C VAL A 98 15.09 -30.75 6.50
N GLY A 99 14.25 -29.73 6.62
CA GLY A 99 14.76 -28.38 6.76
C GLY A 99 13.90 -27.47 7.62
N VAL A 100 14.52 -26.46 8.20
CA VAL A 100 13.79 -25.49 9.02
C VAL A 100 13.96 -24.11 8.42
N GLY A 101 12.91 -23.30 8.50
CA GLY A 101 12.95 -21.97 7.93
C GLY A 101 13.14 -20.85 8.93
N CYS A 102 12.34 -19.79 8.78
CA CYS A 102 12.43 -18.62 9.63
C CYS A 102 11.52 -18.74 10.87
N LEU A 103 10.65 -19.74 10.89
CA LEU A 103 9.72 -19.95 12.01
C LEU A 103 10.01 -21.23 12.74
N VAL A 104 9.84 -21.21 14.06
CA VAL A 104 10.07 -22.39 14.88
C VAL A 104 8.99 -22.57 15.94
N GLY A 105 8.03 -21.66 15.97
CA GLY A 105 6.96 -21.74 16.94
C GLY A 105 6.01 -20.56 16.91
N ALA A 106 4.83 -20.73 17.51
CA ALA A 106 3.81 -19.67 17.57
C ALA A 106 2.86 -19.98 18.73
N CYS A 107 1.82 -19.17 18.92
CA CYS A 107 0.89 -19.42 20.01
C CYS A 107 0.00 -20.64 19.73
N HIS A 108 -0.31 -20.88 18.47
CA HIS A 108 -1.14 -22.03 18.07
C HIS A 108 -2.54 -21.97 18.68
N SER A 109 -3.24 -20.85 18.50
CA SER A 109 -4.58 -20.72 19.04
C SER A 109 -5.34 -19.51 18.50
N CYS A 110 -4.62 -18.50 18.02
CA CYS A 110 -5.29 -17.32 17.47
C CYS A 110 -5.86 -17.76 16.11
N GLU A 111 -6.43 -16.84 15.35
CA GLU A 111 -6.98 -17.23 14.06
C GLU A 111 -5.91 -17.31 12.97
N SER A 112 -4.75 -16.75 13.24
CA SER A 112 -3.66 -16.78 12.27
C SER A 112 -3.13 -18.21 12.17
N CYS A 113 -2.92 -18.83 13.32
CA CYS A 113 -2.42 -20.20 13.38
C CYS A 113 -3.40 -21.21 12.78
N ALA A 114 -4.65 -21.13 13.21
CA ALA A 114 -5.69 -22.03 12.71
C ALA A 114 -5.79 -21.96 11.18
N ASN A 115 -5.56 -20.77 10.64
CA ASN A 115 -5.62 -20.56 9.18
C ASN A 115 -4.28 -20.88 8.51
N ASP A 116 -3.37 -21.47 9.27
CA ASP A 116 -2.03 -21.84 8.78
C ASP A 116 -1.10 -20.67 8.45
N LEU A 117 -1.12 -19.66 9.31
CA LEU A 117 -0.27 -18.50 9.10
C LEU A 117 0.52 -18.20 10.37
N GLU A 118 1.22 -19.22 10.88
CA GLU A 118 2.03 -19.04 12.07
C GLU A 118 2.92 -17.83 11.92
N ASN A 119 3.20 -17.46 10.66
CA ASN A 119 4.07 -16.31 10.37
C ASN A 119 3.41 -14.98 10.69
N TYR A 120 2.10 -14.98 10.87
CA TYR A 120 1.40 -13.74 11.18
C TYR A 120 0.80 -13.76 12.57
N CYS A 121 1.29 -14.68 13.41
CA CYS A 121 0.83 -14.79 14.79
C CYS A 121 1.54 -13.71 15.60
N PRO A 122 0.81 -13.03 16.49
CA PRO A 122 1.47 -11.99 17.28
C PRO A 122 2.56 -12.54 18.21
N LYS A 123 2.52 -13.86 18.44
CA LYS A 123 3.50 -14.50 19.31
C LYS A 123 4.39 -15.47 18.53
N MET A 124 4.46 -15.29 17.22
CA MET A 124 5.30 -16.15 16.38
C MET A 124 6.73 -16.07 16.87
N ILE A 125 7.42 -17.20 16.89
CA ILE A 125 8.80 -17.23 17.33
C ILE A 125 9.75 -17.43 16.16
N LEU A 126 10.67 -16.50 15.98
CA LEU A 126 11.63 -16.58 14.89
C LEU A 126 12.70 -17.62 15.19
N THR A 127 13.23 -18.22 14.13
CA THR A 127 14.24 -19.23 14.28
C THR A 127 15.47 -18.73 15.03
N TYR A 128 15.80 -17.46 14.87
CA TYR A 128 16.95 -16.94 15.60
C TYR A 128 16.69 -15.52 16.10
N ALA A 129 17.44 -15.14 17.13
CA ALA A 129 17.34 -13.82 17.73
C ALA A 129 15.93 -13.52 18.24
N SER A 130 15.26 -14.55 18.75
CA SER A 130 13.90 -14.44 19.28
C SER A 130 13.80 -15.15 20.64
N ILE A 131 12.63 -15.10 21.26
CA ILE A 131 12.43 -15.76 22.54
C ILE A 131 11.51 -16.95 22.34
N TYR A 132 12.03 -18.14 22.65
CA TYR A 132 11.25 -19.37 22.49
C TYR A 132 10.23 -19.51 23.62
N HIS A 133 9.38 -20.53 23.50
CA HIS A 133 8.35 -20.79 24.50
C HIS A 133 8.91 -20.86 25.92
N ASP A 134 10.17 -21.28 26.07
CA ASP A 134 10.75 -21.37 27.40
C ASP A 134 11.44 -20.10 27.85
N GLY A 135 11.31 -19.04 27.07
CA GLY A 135 11.91 -17.77 27.43
C GLY A 135 13.38 -17.61 27.08
N THR A 136 14.01 -18.63 26.53
CA THR A 136 15.43 -18.54 26.16
C THR A 136 15.65 -18.04 24.73
N ILE A 137 16.83 -17.48 24.50
CA ILE A 137 17.20 -16.96 23.20
C ILE A 137 17.35 -18.07 22.15
N THR A 138 16.70 -17.91 21.00
CA THR A 138 16.78 -18.90 19.92
C THR A 138 18.03 -18.69 19.07
N TYR A 139 18.68 -19.80 18.70
CA TYR A 139 19.90 -19.72 17.89
C TYR A 139 19.71 -20.35 16.51
N GLY A 140 20.29 -19.71 15.50
CA GLY A 140 20.15 -20.16 14.13
C GLY A 140 20.86 -21.39 13.63
N GLY A 141 20.71 -21.61 12.32
CA GLY A 141 21.28 -22.75 11.63
C GLY A 141 22.77 -22.74 11.40
N TYR A 142 23.46 -21.66 11.77
CA TYR A 142 24.90 -21.64 11.59
C TYR A 142 25.48 -22.46 12.75
N SER A 143 25.00 -23.69 12.88
CA SER A 143 25.44 -24.57 13.95
C SER A 143 25.41 -26.04 13.58
N ASN A 144 26.01 -26.87 14.43
CA ASN A 144 26.10 -28.30 14.20
C ASN A 144 24.77 -29.01 14.05
N HIS A 145 23.88 -28.85 15.04
CA HIS A 145 22.57 -29.49 14.98
C HIS A 145 21.44 -28.53 15.26
N MET A 146 20.22 -28.99 15.04
CA MET A 146 19.04 -28.17 15.23
C MET A 146 17.90 -29.02 15.81
N VAL A 147 16.93 -28.37 16.46
CA VAL A 147 15.78 -29.10 17.00
C VAL A 147 14.53 -28.22 16.97
N ALA A 148 13.48 -28.73 16.35
CA ALA A 148 12.23 -28.00 16.23
C ALA A 148 11.03 -28.93 16.19
N ASN A 149 9.89 -28.40 16.61
CA ASN A 149 8.63 -29.12 16.64
C ASN A 149 8.30 -29.60 15.21
N GLU A 150 7.82 -30.83 15.09
CA GLU A 150 7.48 -31.40 13.79
C GLU A 150 6.69 -30.41 12.91
N ARG A 151 5.85 -29.59 13.52
CA ARG A 151 5.04 -28.62 12.78
C ARG A 151 5.89 -27.59 12.01
N TYR A 152 7.13 -27.42 12.43
CA TYR A 152 8.01 -26.47 11.77
C TYR A 152 9.12 -27.16 11.01
N ILE A 153 8.98 -28.47 10.84
CA ILE A 153 9.95 -29.28 10.14
C ILE A 153 9.43 -29.51 8.72
N ILE A 154 10.19 -29.07 7.73
CA ILE A 154 9.80 -29.24 6.34
C ILE A 154 10.43 -30.50 5.77
N ARG A 155 9.70 -31.22 4.93
CA ARG A 155 10.20 -32.44 4.32
C ARG A 155 10.80 -32.17 2.95
N PHE A 156 12.08 -32.52 2.77
CA PHE A 156 12.77 -32.30 1.51
C PHE A 156 12.49 -33.35 0.47
N PRO A 157 11.81 -32.98 -0.63
CA PRO A 157 11.54 -33.99 -1.66
C PRO A 157 12.86 -34.66 -2.05
N ASP A 158 12.79 -35.95 -2.35
CA ASP A 158 13.98 -36.71 -2.69
C ASP A 158 14.79 -36.20 -3.87
N ASN A 159 14.14 -35.56 -4.84
CA ASN A 159 14.87 -35.07 -6.00
C ASN A 159 15.33 -33.62 -5.88
N MET A 160 15.24 -33.07 -4.66
CA MET A 160 15.63 -31.69 -4.37
C MET A 160 16.98 -31.71 -3.64
N PRO A 161 18.05 -31.21 -4.30
CA PRO A 161 19.39 -31.18 -3.67
C PRO A 161 19.42 -30.44 -2.34
N LEU A 162 20.14 -31.00 -1.38
CA LEU A 162 20.24 -30.43 -0.06
C LEU A 162 20.83 -29.02 0.01
N ASP A 163 21.74 -28.70 -0.91
CA ASP A 163 22.35 -27.37 -0.87
C ASP A 163 21.65 -26.30 -1.70
N GLY A 164 21.26 -26.62 -2.93
CA GLY A 164 20.61 -25.63 -3.75
C GLY A 164 19.15 -25.38 -3.39
N GLY A 165 18.57 -26.22 -2.53
CA GLY A 165 17.18 -26.05 -2.15
C GLY A 165 17.01 -25.35 -0.82
N ALA A 166 18.13 -25.18 -0.10
CA ALA A 166 18.14 -24.55 1.20
C ALA A 166 17.53 -23.14 1.23
N PRO A 167 17.98 -22.25 0.33
CA PRO A 167 17.41 -20.89 0.32
C PRO A 167 15.93 -20.82 0.06
N LEU A 168 15.38 -21.87 -0.53
CA LEU A 168 13.96 -21.92 -0.79
C LEU A 168 13.17 -21.80 0.52
N LEU A 169 13.77 -22.27 1.62
CA LEU A 169 13.13 -22.23 2.93
C LEU A 169 12.71 -20.83 3.37
N CYS A 170 13.44 -19.81 2.92
CA CYS A 170 13.06 -18.46 3.29
C CYS A 170 12.91 -17.58 2.04
N ALA A 171 13.99 -17.46 1.28
CA ALA A 171 13.97 -16.64 0.07
C ALA A 171 12.83 -17.13 -0.82
N GLY A 172 12.78 -18.45 -0.97
CA GLY A 172 11.78 -19.08 -1.82
C GLY A 172 10.36 -18.92 -1.34
N ILE A 173 10.08 -19.38 -0.13
CA ILE A 173 8.72 -19.27 0.39
C ILE A 173 8.26 -17.81 0.42
N THR A 174 9.21 -16.91 0.68
CA THR A 174 8.90 -15.49 0.77
C THR A 174 8.42 -14.81 -0.50
N VAL A 175 8.93 -15.20 -1.68
CA VAL A 175 8.47 -14.58 -2.93
C VAL A 175 7.29 -15.38 -3.52
N TYR A 176 7.29 -16.69 -3.27
CA TYR A 176 6.24 -17.58 -3.75
C TYR A 176 4.89 -17.20 -3.12
N SER A 177 4.89 -17.11 -1.80
CA SER A 177 3.69 -16.76 -1.05
C SER A 177 2.92 -15.55 -1.57
N PRO A 178 3.59 -14.41 -1.78
CA PRO A 178 2.90 -13.22 -2.28
C PRO A 178 2.37 -13.35 -3.70
N LEU A 179 3.07 -14.11 -4.54
CA LEU A 179 2.64 -14.30 -5.91
C LEU A 179 1.29 -15.03 -5.95
N LYS A 180 1.04 -15.86 -4.94
CA LYS A 180 -0.22 -16.59 -4.86
C LYS A 180 -1.30 -15.72 -4.24
N TYR A 181 -1.04 -15.21 -3.04
CA TYR A 181 -1.99 -14.39 -2.29
C TYR A 181 -2.52 -13.13 -2.96
N PHE A 182 -1.73 -12.55 -3.87
CA PHE A 182 -2.14 -11.33 -4.54
C PHE A 182 -2.56 -11.57 -6.00
N GLY A 183 -2.67 -12.84 -6.37
CA GLY A 183 -3.10 -13.19 -7.72
C GLY A 183 -2.15 -12.81 -8.83
N LEU A 184 -0.86 -12.98 -8.60
CA LEU A 184 0.12 -12.64 -9.60
C LEU A 184 0.78 -13.90 -10.15
N ASP A 185 0.20 -15.04 -9.80
CA ASP A 185 0.68 -16.34 -10.26
C ASP A 185 -0.19 -16.81 -11.41
N GLU A 186 -0.71 -15.88 -12.18
CA GLU A 186 -1.58 -16.23 -13.29
C GLU A 186 -0.86 -16.05 -14.63
N PRO A 187 -0.84 -17.11 -15.46
CA PRO A 187 -0.19 -17.07 -16.77
C PRO A 187 -0.63 -15.87 -17.58
N GLY A 188 0.24 -15.39 -18.45
CA GLY A 188 -0.13 -14.25 -19.26
C GLY A 188 0.15 -12.96 -18.55
N LYS A 189 -0.16 -12.91 -17.25
CA LYS A 189 0.08 -11.71 -16.43
C LYS A 189 1.54 -11.22 -16.47
N HIS A 190 1.73 -9.94 -16.18
CA HIS A 190 3.06 -9.34 -16.24
C HIS A 190 3.60 -8.92 -14.88
N ILE A 191 4.50 -9.74 -14.34
CA ILE A 191 5.10 -9.49 -13.04
C ILE A 191 6.50 -8.89 -13.09
N GLY A 192 6.82 -8.06 -12.09
CA GLY A 192 8.11 -7.41 -12.02
C GLY A 192 8.82 -7.70 -10.72
N ILE A 193 10.09 -8.07 -10.83
CA ILE A 193 10.93 -8.38 -9.67
C ILE A 193 12.03 -7.32 -9.51
N VAL A 194 11.94 -6.53 -8.44
CA VAL A 194 12.94 -5.51 -8.18
C VAL A 194 14.08 -6.10 -7.34
N GLY A 195 15.30 -6.03 -7.86
CA GLY A 195 16.45 -6.55 -7.15
C GLY A 195 16.73 -8.02 -7.43
N LEU A 196 17.66 -8.29 -8.35
CA LEU A 196 17.99 -9.66 -8.70
C LEU A 196 19.01 -10.25 -7.71
N GLY A 197 18.60 -10.36 -6.46
CA GLY A 197 19.46 -10.93 -5.45
C GLY A 197 18.96 -12.29 -5.02
N GLY A 198 19.21 -12.65 -3.77
CA GLY A 198 18.76 -13.94 -3.27
C GLY A 198 17.29 -14.19 -3.55
N LEU A 199 16.43 -13.41 -2.91
CA LEU A 199 15.00 -13.54 -3.11
C LEU A 199 14.60 -13.24 -4.55
N GLY A 200 15.25 -12.22 -5.12
CA GLY A 200 14.98 -11.80 -6.49
C GLY A 200 15.06 -12.85 -7.57
N HIS A 201 16.18 -13.55 -7.68
CA HIS A 201 16.34 -14.56 -8.73
C HIS A 201 15.45 -15.79 -8.51
N VAL A 202 15.05 -16.01 -7.27
CA VAL A 202 14.17 -17.12 -6.93
C VAL A 202 12.80 -16.74 -7.45
N ALA A 203 12.40 -15.50 -7.19
CA ALA A 203 11.11 -15.02 -7.64
C ALA A 203 10.95 -15.21 -9.15
N VAL A 204 11.94 -14.76 -9.91
CA VAL A 204 11.90 -14.88 -11.36
C VAL A 204 11.59 -16.32 -11.74
N LYS A 205 12.23 -17.26 -11.05
CA LYS A 205 12.03 -18.67 -11.33
C LYS A 205 10.61 -19.17 -11.03
N PHE A 206 10.01 -18.69 -9.95
CA PHE A 206 8.65 -19.11 -9.63
C PHE A 206 7.69 -18.42 -10.58
N ALA A 207 7.90 -17.12 -10.80
CA ALA A 207 7.04 -16.37 -11.71
C ALA A 207 6.99 -17.06 -13.09
N LYS A 208 8.14 -17.33 -13.69
CA LYS A 208 8.15 -18.00 -14.99
C LYS A 208 7.44 -19.36 -14.88
N ALA A 209 7.72 -20.08 -13.81
CA ALA A 209 7.12 -21.37 -13.58
C ALA A 209 5.59 -21.26 -13.59
N PHE A 210 5.05 -20.14 -13.09
CA PHE A 210 3.61 -19.95 -13.10
C PHE A 210 3.12 -19.58 -14.50
N GLY A 211 4.04 -19.15 -15.35
CA GLY A 211 3.67 -18.78 -16.71
C GLY A 211 3.48 -17.29 -16.92
N SER A 212 4.14 -16.49 -16.09
CA SER A 212 4.04 -15.04 -16.20
C SER A 212 5.13 -14.45 -17.05
N LYS A 213 4.82 -13.38 -17.75
CA LYS A 213 5.81 -12.66 -18.54
C LYS A 213 6.50 -11.91 -17.40
N VAL A 214 7.82 -11.92 -17.35
CA VAL A 214 8.53 -11.28 -16.24
C VAL A 214 9.49 -10.14 -16.57
N THR A 215 9.46 -9.10 -15.75
CA THR A 215 10.36 -7.98 -15.92
C THR A 215 11.21 -7.87 -14.65
N VAL A 216 12.52 -7.77 -14.84
CA VAL A 216 13.45 -7.64 -13.74
C VAL A 216 13.91 -6.19 -13.70
N ILE A 217 13.81 -5.57 -12.52
CA ILE A 217 14.26 -4.19 -12.35
C ILE A 217 15.49 -4.28 -11.46
N SER A 218 16.62 -3.86 -12.00
CA SER A 218 17.90 -3.96 -11.29
C SER A 218 18.78 -2.71 -11.36
N THR A 219 19.77 -2.63 -10.47
CA THR A 219 20.69 -1.50 -10.48
C THR A 219 22.04 -1.96 -11.02
N SER A 220 22.17 -3.27 -11.26
CA SER A 220 23.41 -3.86 -11.76
C SER A 220 23.34 -4.34 -13.21
N PRO A 221 23.62 -3.44 -14.18
CA PRO A 221 23.57 -3.84 -15.58
C PRO A 221 24.37 -5.09 -15.97
N SER A 222 25.28 -5.54 -15.11
CA SER A 222 26.07 -6.74 -15.43
C SER A 222 25.30 -8.03 -15.13
N LYS A 223 24.04 -7.92 -14.74
CA LYS A 223 23.22 -9.10 -14.45
C LYS A 223 22.20 -9.28 -15.57
N LYS A 224 22.15 -8.32 -16.47
CA LYS A 224 21.22 -8.36 -17.58
C LYS A 224 21.21 -9.72 -18.29
N GLU A 225 22.31 -10.08 -18.91
CA GLU A 225 22.39 -11.34 -19.62
C GLU A 225 21.88 -12.55 -18.82
N GLU A 226 22.36 -12.70 -17.59
CA GLU A 226 21.93 -13.80 -16.74
C GLU A 226 20.42 -13.75 -16.52
N ALA A 227 19.89 -12.54 -16.36
CA ALA A 227 18.45 -12.36 -16.12
C ALA A 227 17.59 -12.78 -17.30
N LEU A 228 18.01 -12.39 -18.50
CA LEU A 228 17.27 -12.71 -19.71
C LEU A 228 17.49 -14.15 -20.17
N LYS A 229 18.75 -14.55 -20.28
CA LYS A 229 19.10 -15.86 -20.76
C LYS A 229 19.13 -17.04 -19.82
N ASN A 230 19.25 -16.82 -18.52
CA ASN A 230 19.28 -17.97 -17.59
C ASN A 230 18.03 -18.10 -16.74
N PHE A 231 17.46 -16.96 -16.39
CA PHE A 231 16.27 -16.93 -15.57
C PHE A 231 15.05 -16.78 -16.45
N GLY A 232 15.28 -16.51 -17.73
CA GLY A 232 14.19 -16.38 -18.67
C GLY A 232 13.35 -15.14 -18.57
N ALA A 233 13.82 -14.14 -17.83
CA ALA A 233 13.05 -12.90 -17.71
C ALA A 233 12.84 -12.37 -19.11
N ASP A 234 11.64 -11.87 -19.38
CA ASP A 234 11.32 -11.36 -20.71
C ASP A 234 11.82 -9.94 -20.93
N SER A 235 12.20 -9.29 -19.84
CA SER A 235 12.69 -7.91 -19.92
C SER A 235 13.60 -7.56 -18.77
N PHE A 236 14.57 -6.69 -19.04
CA PHE A 236 15.53 -6.25 -18.03
C PHE A 236 15.61 -4.73 -18.05
N LEU A 237 15.43 -4.12 -16.89
CA LEU A 237 15.49 -2.69 -16.79
C LEU A 237 16.47 -2.20 -15.74
N VAL A 238 17.28 -1.21 -16.09
CA VAL A 238 18.22 -0.61 -15.15
C VAL A 238 17.39 0.53 -14.54
N SER A 239 17.05 0.41 -13.27
CA SER A 239 16.22 1.40 -12.58
C SER A 239 16.76 2.83 -12.60
N ARG A 240 18.06 2.95 -12.89
CA ARG A 240 18.72 4.24 -12.92
C ARG A 240 18.65 4.94 -14.29
N ASP A 241 18.26 4.20 -15.31
CA ASP A 241 18.14 4.75 -16.67
C ASP A 241 16.67 5.15 -16.90
N GLN A 242 16.35 6.42 -16.67
CA GLN A 242 14.96 6.87 -16.84
C GLN A 242 14.34 6.62 -18.20
N GLU A 243 15.08 6.86 -19.27
CA GLU A 243 14.54 6.64 -20.59
C GLU A 243 14.07 5.18 -20.73
N GLN A 244 14.83 4.28 -20.13
CA GLN A 244 14.51 2.85 -20.20
C GLN A 244 13.32 2.51 -19.32
N MET A 245 13.33 3.01 -18.08
CA MET A 245 12.23 2.76 -17.16
C MET A 245 10.92 3.29 -17.75
N GLN A 246 10.89 4.60 -17.99
CA GLN A 246 9.72 5.28 -18.56
C GLN A 246 9.08 4.55 -19.74
N ALA A 247 9.90 3.83 -20.50
CA ALA A 247 9.40 3.09 -21.65
C ALA A 247 8.49 1.94 -21.21
N ALA A 248 8.77 1.38 -20.05
CA ALA A 248 7.98 0.27 -19.51
C ALA A 248 6.82 0.75 -18.64
N ALA A 249 6.46 2.02 -18.74
CA ALA A 249 5.37 2.59 -17.95
C ALA A 249 4.04 1.83 -18.06
N GLY A 250 3.44 1.52 -16.90
CA GLY A 250 2.16 0.84 -16.86
C GLY A 250 2.10 -0.49 -17.60
N THR A 251 3.14 -1.30 -17.44
CA THR A 251 3.21 -2.60 -18.09
C THR A 251 3.08 -3.78 -17.13
N LEU A 252 3.19 -3.51 -15.83
CA LEU A 252 3.13 -4.58 -14.84
C LEU A 252 1.85 -4.69 -14.00
N ASP A 253 1.33 -5.90 -13.88
CA ASP A 253 0.13 -6.11 -13.08
C ASP A 253 0.51 -6.05 -11.60
N GLY A 254 1.72 -6.52 -11.31
CA GLY A 254 2.22 -6.52 -9.95
C GLY A 254 3.74 -6.53 -9.91
N ILE A 255 4.31 -6.16 -8.76
CA ILE A 255 5.75 -6.12 -8.59
C ILE A 255 6.14 -6.67 -7.22
N ILE A 256 7.19 -7.48 -7.20
CA ILE A 256 7.70 -8.00 -5.94
C ILE A 256 9.01 -7.23 -5.73
N ASP A 257 9.06 -6.45 -4.66
CA ASP A 257 10.23 -5.63 -4.35
C ASP A 257 11.06 -6.30 -3.28
N THR A 258 12.23 -6.78 -3.64
CA THR A 258 13.08 -7.47 -2.68
C THR A 258 14.23 -6.61 -2.20
N VAL A 259 14.33 -5.39 -2.73
CA VAL A 259 15.41 -4.46 -2.38
C VAL A 259 15.66 -4.30 -0.88
N SER A 260 16.92 -4.54 -0.49
CA SER A 260 17.33 -4.47 0.90
C SER A 260 17.73 -3.09 1.43
N ALA A 261 17.57 -2.06 0.65
CA ALA A 261 17.92 -0.73 1.11
C ALA A 261 16.86 0.24 0.67
N VAL A 262 16.89 1.45 1.25
CA VAL A 262 15.93 2.46 0.86
C VAL A 262 16.16 2.69 -0.62
N HIS A 263 15.07 2.91 -1.36
CA HIS A 263 15.17 3.15 -2.79
C HIS A 263 13.91 3.87 -3.27
N PRO A 264 13.98 4.53 -4.43
CA PRO A 264 12.82 5.26 -4.96
C PRO A 264 11.63 4.36 -5.30
N LEU A 265 10.45 4.71 -4.81
CA LEU A 265 9.25 3.93 -5.09
C LEU A 265 8.51 4.50 -6.29
N LEU A 266 8.51 5.82 -6.42
CA LEU A 266 7.81 6.49 -7.52
C LEU A 266 8.00 5.79 -8.88
N PRO A 267 9.25 5.52 -9.27
CA PRO A 267 9.56 4.86 -10.55
C PRO A 267 8.88 3.50 -10.70
N LEU A 268 8.77 2.78 -9.59
CA LEU A 268 8.14 1.46 -9.58
C LEU A 268 6.65 1.58 -9.86
N PHE A 269 5.98 2.52 -9.20
CA PHE A 269 4.56 2.73 -9.43
C PHE A 269 4.39 3.04 -10.89
N GLY A 270 5.26 3.91 -11.39
CA GLY A 270 5.20 4.27 -12.80
C GLY A 270 5.16 3.07 -13.73
N LEU A 271 5.59 1.91 -13.25
CA LEU A 271 5.61 0.69 -14.07
C LEU A 271 4.35 -0.14 -13.89
N LEU A 272 3.55 0.22 -12.88
CA LEU A 272 2.31 -0.49 -12.61
C LEU A 272 1.17 -0.09 -13.53
N LYS A 273 0.39 -1.07 -13.96
CA LYS A 273 -0.77 -0.81 -14.80
C LYS A 273 -1.74 -0.20 -13.80
N SER A 274 -2.92 0.17 -14.25
CA SER A 274 -3.90 0.71 -13.34
C SER A 274 -4.26 -0.43 -12.37
N HIS A 275 -4.53 -0.09 -11.11
CA HIS A 275 -4.90 -1.06 -10.07
C HIS A 275 -3.77 -2.04 -9.75
N GLY A 276 -2.55 -1.73 -10.21
CA GLY A 276 -1.41 -2.59 -9.98
C GLY A 276 -1.02 -2.72 -8.51
N LYS A 277 -0.23 -3.73 -8.18
CA LYS A 277 0.16 -3.93 -6.79
C LYS A 277 1.66 -3.96 -6.58
N LEU A 278 2.12 -3.23 -5.56
CA LEU A 278 3.54 -3.20 -5.21
C LEU A 278 3.67 -3.98 -3.91
N ILE A 279 4.31 -5.14 -3.99
CA ILE A 279 4.49 -5.97 -2.81
C ILE A 279 5.88 -5.78 -2.23
N LEU A 280 5.94 -5.15 -1.07
CA LEU A 280 7.22 -4.93 -0.42
C LEU A 280 7.58 -6.21 0.32
N VAL A 281 8.77 -6.71 0.07
CA VAL A 281 9.20 -7.92 0.73
C VAL A 281 10.58 -7.66 1.34
N GLY A 282 11.33 -6.76 0.74
CA GLY A 282 12.64 -6.42 1.27
C GLY A 282 12.46 -5.61 2.53
N ALA A 283 13.50 -5.50 3.35
CA ALA A 283 13.37 -4.74 4.60
C ALA A 283 14.46 -3.71 4.83
N PRO A 284 14.28 -2.49 4.29
CA PRO A 284 15.30 -1.45 4.47
C PRO A 284 15.35 -1.04 5.94
N GLU A 285 16.50 -0.58 6.39
CA GLU A 285 16.64 -0.19 7.77
C GLU A 285 15.84 1.07 8.08
N LYS A 286 15.50 1.84 7.04
CA LYS A 286 14.77 3.09 7.22
C LYS A 286 13.45 3.18 6.46
N PRO A 287 12.62 4.19 6.79
CA PRO A 287 11.33 4.34 6.11
C PRO A 287 11.48 4.62 4.61
N LEU A 288 10.50 4.17 3.84
CA LEU A 288 10.49 4.40 2.40
C LEU A 288 9.65 5.62 2.09
N GLU A 289 9.83 6.17 0.90
CA GLU A 289 9.12 7.37 0.50
C GLU A 289 7.91 7.02 -0.36
N LEU A 290 6.71 7.30 0.15
CA LEU A 290 5.47 7.01 -0.54
C LEU A 290 4.68 8.24 -0.97
N PRO A 291 4.62 8.51 -2.28
CA PRO A 291 3.88 9.67 -2.83
C PRO A 291 2.41 9.26 -3.00
N ALA A 292 1.53 9.76 -2.12
CA ALA A 292 0.11 9.43 -2.19
C ALA A 292 -0.51 9.48 -3.59
N PHE A 293 -0.16 10.49 -4.38
CA PHE A 293 -0.73 10.59 -5.73
C PHE A 293 -0.39 9.37 -6.58
N SER A 294 0.65 8.63 -6.22
CA SER A 294 1.04 7.44 -6.97
C SER A 294 0.05 6.33 -6.71
N LEU A 295 -0.56 6.35 -5.54
CA LEU A 295 -1.55 5.35 -5.17
C LEU A 295 -2.89 5.83 -5.67
N ILE A 296 -3.21 7.08 -5.35
CA ILE A 296 -4.47 7.69 -5.74
C ILE A 296 -4.69 7.72 -7.25
N ALA A 297 -3.63 7.90 -8.02
CA ALA A 297 -3.77 7.91 -9.48
C ALA A 297 -3.65 6.47 -9.96
N GLY A 298 -4.80 5.83 -10.15
CA GLY A 298 -4.78 4.46 -10.62
C GLY A 298 -5.31 3.49 -9.59
N ARG A 299 -5.55 3.97 -8.37
CA ARG A 299 -6.07 3.14 -7.28
C ARG A 299 -5.14 1.94 -7.13
N LYS A 300 -3.86 2.22 -6.98
CA LYS A 300 -2.86 1.18 -6.83
C LYS A 300 -2.65 0.93 -5.34
N ILE A 301 -1.98 -0.15 -5.01
CA ILE A 301 -1.74 -0.44 -3.61
C ILE A 301 -0.32 -0.92 -3.33
N VAL A 302 0.11 -0.72 -2.08
CA VAL A 302 1.42 -1.14 -1.65
C VAL A 302 1.14 -2.08 -0.50
N ALA A 303 1.59 -3.32 -0.61
CA ALA A 303 1.36 -4.30 0.44
C ALA A 303 2.68 -4.92 0.87
N GLY A 304 2.66 -5.56 2.02
CA GLY A 304 3.87 -6.20 2.51
C GLY A 304 3.60 -7.66 2.72
N SER A 305 4.65 -8.47 2.67
CA SER A 305 4.51 -9.89 2.90
C SER A 305 5.77 -10.43 3.61
N GLY A 306 5.53 -11.33 4.55
CA GLY A 306 6.62 -11.94 5.30
C GLY A 306 6.57 -13.45 5.17
N ILE A 307 7.66 -14.05 4.69
CA ILE A 307 7.77 -15.50 4.51
C ILE A 307 6.42 -16.12 4.19
N GLY A 308 6.11 -17.21 4.90
CA GLY A 308 4.85 -17.90 4.73
C GLY A 308 4.56 -18.83 5.89
N GLY A 309 3.33 -19.28 6.02
CA GLY A 309 3.01 -20.21 7.10
C GLY A 309 3.67 -21.53 6.77
N MET A 310 3.71 -22.43 7.75
CA MET A 310 4.32 -23.73 7.54
C MET A 310 3.70 -24.55 6.41
N LYS A 311 2.38 -24.61 6.37
CA LYS A 311 1.71 -25.39 5.33
C LYS A 311 2.16 -25.00 3.93
N GLU A 312 2.02 -23.71 3.60
CA GLU A 312 2.42 -23.26 2.29
C GLU A 312 3.91 -23.47 2.05
N THR A 313 4.73 -23.26 3.07
CA THR A 313 6.17 -23.46 2.91
C THR A 313 6.42 -24.86 2.35
N GLN A 314 5.64 -25.84 2.79
CA GLN A 314 5.77 -27.21 2.29
C GLN A 314 5.25 -27.31 0.85
N GLU A 315 4.13 -26.67 0.58
CA GLU A 315 3.58 -26.70 -0.77
C GLU A 315 4.59 -26.09 -1.76
N MET A 316 5.39 -25.14 -1.25
CA MET A 316 6.39 -24.44 -2.05
C MET A 316 7.57 -25.33 -2.42
N ILE A 317 8.16 -26.03 -1.47
CA ILE A 317 9.29 -26.86 -1.81
C ILE A 317 8.89 -28.04 -2.70
N ASP A 318 7.67 -28.55 -2.52
CA ASP A 318 7.16 -29.65 -3.34
C ASP A 318 7.05 -29.14 -4.78
N PHE A 319 6.44 -27.97 -4.92
CA PHE A 319 6.26 -27.34 -6.23
C PHE A 319 7.65 -27.10 -6.87
N ALA A 320 8.57 -26.61 -6.07
CA ALA A 320 9.92 -26.32 -6.56
C ALA A 320 10.61 -27.59 -7.05
N ALA A 321 10.43 -28.68 -6.32
CA ALA A 321 11.05 -29.95 -6.70
C ALA A 321 10.42 -30.54 -7.94
N LYS A 322 9.12 -30.29 -8.14
CA LYS A 322 8.43 -30.83 -9.31
C LYS A 322 8.91 -30.11 -10.57
N HIS A 323 9.05 -28.79 -10.49
CA HIS A 323 9.48 -27.95 -11.60
C HIS A 323 11.00 -27.78 -11.71
N ASN A 324 11.74 -28.52 -10.89
CA ASN A 324 13.18 -28.44 -10.93
C ASN A 324 13.65 -27.00 -10.71
N ILE A 325 13.13 -26.38 -9.67
CA ILE A 325 13.48 -25.01 -9.32
C ILE A 325 14.44 -25.08 -8.15
N THR A 326 15.50 -24.29 -8.23
CA THR A 326 16.53 -24.27 -7.23
C THR A 326 17.23 -22.92 -7.23
N ALA A 327 17.94 -22.63 -6.15
CA ALA A 327 18.67 -21.37 -6.09
C ALA A 327 20.07 -21.53 -6.68
N ASP A 328 20.53 -20.52 -7.43
CA ASP A 328 21.88 -20.58 -7.98
C ASP A 328 22.72 -20.19 -6.78
N ILE A 329 23.59 -21.10 -6.35
CA ILE A 329 24.36 -20.88 -5.14
C ILE A 329 25.88 -20.90 -5.25
N GLU A 330 26.51 -20.43 -4.18
CA GLU A 330 27.96 -20.48 -4.05
C GLU A 330 28.19 -21.09 -2.68
N VAL A 331 28.70 -22.31 -2.65
CA VAL A 331 28.95 -23.03 -1.40
C VAL A 331 30.24 -22.63 -0.70
N ILE A 332 30.11 -22.17 0.54
CA ILE A 332 31.27 -21.72 1.31
C ILE A 332 31.56 -22.47 2.62
N SER A 333 32.74 -22.22 3.16
CA SER A 333 33.16 -22.84 4.41
C SER A 333 32.71 -21.95 5.54
N THR A 334 32.53 -22.57 6.69
CA THR A 334 32.10 -21.87 7.87
C THR A 334 33.07 -20.71 8.17
N ASP A 335 34.36 -20.96 8.03
CA ASP A 335 35.35 -19.92 8.31
C ASP A 335 35.37 -18.77 7.30
N TYR A 336 34.58 -18.90 6.24
CA TYR A 336 34.52 -17.88 5.20
C TYR A 336 33.34 -16.92 5.46
N LEU A 337 32.60 -17.16 6.54
CA LEU A 337 31.45 -16.33 6.85
C LEU A 337 31.66 -14.82 6.84
N ASN A 338 32.72 -14.33 7.46
CA ASN A 338 32.94 -12.88 7.47
C ASN A 338 33.13 -12.31 6.07
N THR A 339 33.94 -12.98 5.27
CA THR A 339 34.17 -12.51 3.92
C THR A 339 32.87 -12.62 3.14
N ALA A 340 32.14 -13.71 3.35
CA ALA A 340 30.88 -13.89 2.65
C ALA A 340 29.92 -12.73 2.95
N MET A 341 29.86 -12.34 4.22
CA MET A 341 28.97 -11.26 4.64
C MET A 341 29.32 -9.90 4.03
N GLU A 342 30.61 -9.62 3.85
CA GLU A 342 30.97 -8.35 3.26
C GLU A 342 30.65 -8.40 1.78
N ARG A 343 30.82 -9.58 1.18
CA ARG A 343 30.53 -9.77 -0.22
C ARG A 343 29.03 -9.62 -0.44
N LEU A 344 28.23 -10.00 0.55
CA LEU A 344 26.80 -9.88 0.39
C LEU A 344 26.42 -8.43 0.47
N ALA A 345 26.97 -7.75 1.47
CA ALA A 345 26.69 -6.33 1.67
C ALA A 345 27.07 -5.54 0.42
N LYS A 346 28.08 -6.01 -0.31
CA LYS A 346 28.55 -5.34 -1.52
C LYS A 346 28.02 -5.92 -2.83
N ASN A 347 26.88 -6.62 -2.77
CA ASN A 347 26.29 -7.18 -3.98
C ASN A 347 27.29 -8.04 -4.77
N ASP A 348 28.11 -8.82 -4.06
CA ASP A 348 29.12 -9.66 -4.72
C ASP A 348 28.88 -11.18 -4.72
N VAL A 349 27.63 -11.62 -4.70
CA VAL A 349 27.39 -13.06 -4.72
C VAL A 349 26.46 -13.38 -5.88
N ARG A 350 26.84 -14.36 -6.69
CA ARG A 350 25.97 -14.68 -7.78
C ARG A 350 24.82 -15.51 -7.33
N TYR A 351 24.02 -14.77 -6.57
CA TYR A 351 22.77 -15.14 -5.98
C TYR A 351 22.71 -15.63 -4.56
N ARG A 352 23.28 -16.79 -4.21
CA ARG A 352 23.14 -17.16 -2.80
C ARG A 352 24.27 -17.95 -2.18
N PHE A 353 24.76 -17.46 -1.06
CA PHE A 353 25.81 -18.18 -0.37
C PHE A 353 25.07 -19.25 0.40
N VAL A 354 25.68 -20.42 0.56
CA VAL A 354 25.10 -21.51 1.33
C VAL A 354 26.28 -22.08 2.06
N ILE A 355 26.12 -22.33 3.36
CA ILE A 355 27.21 -22.85 4.15
C ILE A 355 27.19 -24.36 4.21
N ASP A 356 28.34 -24.94 3.89
CA ASP A 356 28.53 -26.38 3.93
C ASP A 356 28.90 -26.68 5.38
N VAL A 357 27.90 -26.59 6.24
CA VAL A 357 28.07 -26.83 7.67
C VAL A 357 28.60 -28.21 8.02
N GLY A 358 28.03 -29.24 7.42
CA GLY A 358 28.46 -30.59 7.71
C GLY A 358 29.95 -30.88 7.56
N ASN A 359 30.53 -30.42 6.45
CA ASN A 359 31.95 -30.65 6.20
C ASN A 359 32.90 -29.56 6.66
N THR A 360 32.38 -28.42 7.13
CA THR A 360 33.28 -27.35 7.54
C THR A 360 33.12 -26.73 8.92
N LEU A 361 32.02 -26.99 9.61
CA LEU A 361 31.84 -26.37 10.93
C LEU A 361 32.82 -26.89 11.99
N ALA A 362 32.80 -28.19 12.24
CA ALA A 362 33.67 -28.80 13.25
C ALA A 362 35.09 -28.24 13.24
N ALA A 363 35.76 -28.34 12.11
CA ALA A 363 37.13 -27.86 11.97
C ALA A 363 37.41 -26.45 12.48
N THR A 364 36.36 -25.69 12.83
CA THR A 364 36.56 -24.32 13.29
C THR A 364 36.62 -24.13 14.81
N LYS A 365 36.41 -25.19 15.57
CA LYS A 365 36.46 -25.13 17.04
C LYS A 365 37.88 -24.86 17.50
N PRO A 366 38.04 -24.04 18.55
CA PRO A 366 39.38 -23.73 19.06
C PRO A 366 40.10 -24.96 19.64
N SER B 8 -7.41 35.25 -25.68
CA SER B 8 -7.91 35.47 -24.28
C SER B 8 -9.10 34.56 -23.97
N PRO B 9 -9.21 34.11 -22.70
CA PRO B 9 -10.28 33.23 -22.21
C PRO B 9 -11.72 33.64 -22.48
N GLU B 10 -11.94 34.93 -22.72
CA GLU B 10 -13.27 35.48 -22.98
C GLU B 10 -13.64 35.45 -24.47
N GLU B 11 -12.65 35.16 -25.31
CA GLU B 11 -12.85 35.08 -26.76
C GLU B 11 -12.91 33.62 -27.20
N GLU B 12 -12.15 32.78 -26.51
CA GLU B 12 -12.07 31.34 -26.77
C GLU B 12 -13.39 30.70 -27.22
N HIS B 13 -14.45 30.90 -26.44
CA HIS B 13 -15.76 30.34 -26.72
C HIS B 13 -16.82 31.41 -27.05
N PRO B 14 -18.03 30.99 -27.43
CA PRO B 14 -19.12 31.92 -27.78
C PRO B 14 -20.02 32.45 -26.66
N VAL B 15 -20.20 31.68 -25.59
CA VAL B 15 -21.05 32.12 -24.47
C VAL B 15 -20.19 32.75 -23.38
N LYS B 16 -20.53 33.97 -22.96
CA LYS B 16 -19.77 34.66 -21.94
C LYS B 16 -20.01 34.11 -20.54
N ALA B 17 -18.91 33.96 -19.80
CA ALA B 17 -18.96 33.42 -18.45
C ALA B 17 -18.23 34.35 -17.49
N PHE B 18 -18.54 34.22 -16.21
CA PHE B 18 -17.91 35.05 -15.20
C PHE B 18 -17.67 34.24 -13.95
N GLY B 19 -16.53 34.49 -13.31
CA GLY B 19 -16.21 33.76 -12.11
C GLY B 19 -15.04 34.42 -11.41
N TRP B 20 -14.42 33.68 -10.49
CA TRP B 20 -13.28 34.18 -9.75
C TRP B 20 -12.16 33.20 -9.99
N ALA B 21 -10.97 33.73 -10.30
CA ALA B 21 -9.82 32.91 -10.59
C ALA B 21 -8.59 33.35 -9.83
N ALA B 22 -7.57 32.50 -9.90
CA ALA B 22 -6.26 32.77 -9.30
C ALA B 22 -5.36 33.03 -10.51
N ARG B 23 -4.47 34.01 -10.40
CA ARG B 23 -3.56 34.34 -11.50
C ARG B 23 -2.13 33.86 -11.29
N ASP B 24 -1.77 33.56 -10.05
CA ASP B 24 -0.44 33.10 -9.71
C ASP B 24 -0.50 32.22 -8.46
N GLN B 25 0.62 31.63 -8.06
CA GLN B 25 0.64 30.73 -6.90
C GLN B 25 0.42 31.35 -5.51
N SER B 26 0.06 32.64 -5.46
CA SER B 26 -0.22 33.28 -4.18
C SER B 26 -1.62 32.82 -3.78
N GLY B 27 -2.40 32.43 -4.78
CA GLY B 27 -3.76 31.96 -4.55
C GLY B 27 -4.80 33.05 -4.37
N HIS B 28 -4.47 34.29 -4.73
CA HIS B 28 -5.43 35.38 -4.59
C HIS B 28 -6.53 35.26 -5.63
N LEU B 29 -7.75 35.08 -5.16
CA LEU B 29 -8.90 34.96 -6.03
C LEU B 29 -9.55 36.31 -6.21
N SER B 30 -10.07 36.56 -7.41
CA SER B 30 -10.73 37.82 -7.72
C SER B 30 -11.50 37.66 -9.03
N PRO B 31 -12.38 38.62 -9.35
CA PRO B 31 -13.18 38.57 -10.59
C PRO B 31 -12.39 38.21 -11.86
N PHE B 32 -13.02 37.41 -12.72
CA PHE B 32 -12.40 36.94 -13.94
C PHE B 32 -13.43 36.76 -15.04
N ASN B 33 -13.10 37.25 -16.23
CA ASN B 33 -14.00 37.14 -17.38
C ASN B 33 -13.49 36.11 -18.36
N PHE B 34 -14.35 35.13 -18.66
CA PHE B 34 -14.02 34.08 -19.60
C PHE B 34 -15.27 33.69 -20.38
N SER B 35 -15.30 32.44 -20.86
CA SER B 35 -16.43 31.95 -21.62
C SER B 35 -16.44 30.42 -21.70
N ARG B 36 -17.55 29.85 -22.15
CA ARG B 36 -17.66 28.40 -22.26
C ARG B 36 -18.20 28.00 -23.63
N ARG B 37 -17.93 26.76 -24.04
CA ARG B 37 -18.40 26.29 -25.34
C ARG B 37 -19.92 26.29 -25.37
N ALA B 38 -20.48 26.33 -26.57
CA ALA B 38 -21.93 26.33 -26.74
C ALA B 38 -22.51 24.98 -26.39
N THR B 39 -23.79 24.96 -26.03
CA THR B 39 -24.52 23.76 -25.66
C THR B 39 -24.63 22.74 -26.81
N GLY B 40 -23.90 21.63 -26.71
CA GLY B 40 -23.95 20.61 -27.75
C GLY B 40 -25.13 19.65 -27.59
N GLU B 41 -25.34 18.81 -28.61
CA GLU B 41 -26.44 17.84 -28.63
C GLU B 41 -26.59 17.06 -27.33
N GLU B 42 -25.46 16.65 -26.75
CA GLU B 42 -25.51 15.87 -25.53
C GLU B 42 -25.20 16.68 -24.28
N ASP B 43 -25.01 17.97 -24.44
CA ASP B 43 -24.69 18.81 -23.29
C ASP B 43 -25.89 19.24 -22.44
N VAL B 44 -25.61 19.58 -21.18
CA VAL B 44 -26.60 20.05 -20.21
C VAL B 44 -26.05 21.35 -19.65
N ARG B 45 -26.76 22.45 -19.87
CA ARG B 45 -26.30 23.74 -19.38
C ARG B 45 -27.04 24.08 -18.12
N PHE B 46 -26.37 24.73 -17.17
CA PHE B 46 -27.06 25.11 -15.94
C PHE B 46 -26.48 26.32 -15.25
N LYS B 47 -27.32 26.99 -14.47
CA LYS B 47 -26.89 28.16 -13.72
C LYS B 47 -26.32 27.63 -12.41
N VAL B 48 -25.13 28.08 -12.04
CA VAL B 48 -24.53 27.63 -10.80
C VAL B 48 -25.17 28.36 -9.62
N LEU B 49 -25.69 27.58 -8.68
CA LEU B 49 -26.32 28.13 -7.49
C LEU B 49 -25.39 28.00 -6.30
N TYR B 50 -24.65 26.89 -6.26
CA TYR B 50 -23.72 26.63 -5.17
C TYR B 50 -22.48 25.91 -5.67
N CYS B 51 -21.43 25.98 -4.88
CA CYS B 51 -20.18 25.31 -5.21
C CYS B 51 -19.38 25.15 -3.94
N GLY B 52 -19.31 23.92 -3.46
CA GLY B 52 -18.55 23.67 -2.25
C GLY B 52 -17.10 24.05 -2.50
N VAL B 53 -16.35 24.22 -1.42
CA VAL B 53 -14.94 24.58 -1.50
C VAL B 53 -14.15 23.40 -0.94
N CYS B 54 -13.44 22.71 -1.82
CA CYS B 54 -12.63 21.57 -1.45
C CYS B 54 -11.17 22.00 -1.24
N HIS B 55 -10.47 21.34 -0.32
CA HIS B 55 -9.07 21.70 -0.04
C HIS B 55 -8.25 21.60 -1.32
N SER B 56 -8.65 20.70 -2.22
CA SER B 56 -7.95 20.52 -3.49
C SER B 56 -7.96 21.80 -4.30
N ASP B 57 -8.92 22.68 -4.00
CA ASP B 57 -9.04 23.96 -4.69
C ASP B 57 -7.91 24.85 -4.21
N LEU B 58 -7.65 24.79 -2.91
CA LEU B 58 -6.61 25.57 -2.27
C LEU B 58 -5.26 25.08 -2.75
N HIS B 59 -5.06 23.75 -2.74
CA HIS B 59 -3.80 23.20 -3.23
C HIS B 59 -3.59 23.74 -4.62
N SER B 60 -4.59 23.57 -5.47
CA SER B 60 -4.53 24.02 -6.86
C SER B 60 -4.12 25.47 -7.04
N ILE B 61 -4.80 26.38 -6.36
CA ILE B 61 -4.50 27.81 -6.51
C ILE B 61 -3.15 28.27 -5.94
N LYS B 62 -2.57 27.47 -5.06
CA LYS B 62 -1.26 27.80 -4.47
C LYS B 62 -0.18 26.97 -5.17
N ASN B 63 -0.63 26.18 -6.15
CA ASN B 63 0.23 25.30 -6.93
C ASN B 63 1.05 24.34 -6.08
N ASP B 64 0.44 23.82 -5.03
CA ASP B 64 1.11 22.88 -4.14
C ASP B 64 1.71 21.70 -4.90
N TRP B 65 0.96 21.17 -5.87
CA TRP B 65 1.41 20.04 -6.66
C TRP B 65 2.24 20.39 -7.90
N GLY B 66 2.56 21.66 -8.09
CA GLY B 66 3.35 22.06 -9.24
C GLY B 66 2.65 21.93 -10.59
N PHE B 67 1.53 21.19 -10.64
CA PHE B 67 0.80 21.02 -11.89
C PHE B 67 0.07 22.30 -12.29
N SER B 68 -0.59 22.92 -11.32
CA SER B 68 -1.36 24.14 -11.52
C SER B 68 -0.90 25.05 -12.65
N MET B 69 -1.89 25.61 -13.36
CA MET B 69 -1.63 26.54 -14.44
C MET B 69 -2.66 27.65 -14.32
N TYR B 70 -2.23 28.89 -14.58
CA TYR B 70 -3.12 30.04 -14.46
C TYR B 70 -3.40 30.75 -15.79
N PRO B 71 -4.49 31.54 -15.84
CA PRO B 71 -5.40 31.70 -14.70
C PRO B 71 -6.20 30.43 -14.41
N LEU B 72 -6.49 30.20 -13.14
CA LEU B 72 -7.21 29.01 -12.70
C LEU B 72 -8.51 29.32 -11.95
N VAL B 73 -9.60 28.70 -12.37
CA VAL B 73 -10.89 28.87 -11.73
C VAL B 73 -11.25 27.57 -11.04
N PRO B 74 -11.15 27.53 -9.71
CA PRO B 74 -11.44 26.36 -8.88
C PRO B 74 -12.93 26.05 -8.87
N GLY B 75 -13.29 25.02 -8.11
CA GLY B 75 -14.69 24.63 -8.01
C GLY B 75 -15.06 23.38 -8.78
N HIS B 76 -15.34 22.30 -8.05
CA HIS B 76 -15.74 21.05 -8.68
C HIS B 76 -16.75 20.31 -7.83
N GLU B 77 -17.57 21.09 -7.12
CA GLU B 77 -18.67 20.62 -6.28
C GLU B 77 -19.80 21.57 -6.66
N ILE B 78 -20.12 21.54 -7.94
CA ILE B 78 -21.11 22.41 -8.56
C ILE B 78 -22.55 21.91 -8.61
N VAL B 79 -23.47 22.74 -8.15
CA VAL B 79 -24.89 22.40 -8.16
C VAL B 79 -25.65 23.61 -8.68
N GLY B 80 -26.62 23.36 -9.58
CA GLY B 80 -27.41 24.43 -10.15
C GLY B 80 -28.68 23.95 -10.82
N GLU B 81 -29.29 24.83 -11.60
CA GLU B 81 -30.54 24.53 -12.29
C GLU B 81 -30.33 24.53 -13.80
N VAL B 82 -30.78 23.47 -14.47
CA VAL B 82 -30.63 23.37 -15.90
C VAL B 82 -31.37 24.48 -16.65
N THR B 83 -30.62 25.24 -17.44
CA THR B 83 -31.20 26.33 -18.21
C THR B 83 -31.38 25.93 -19.67
N GLU B 84 -30.62 24.94 -20.11
CA GLU B 84 -30.66 24.50 -21.49
C GLU B 84 -30.17 23.06 -21.63
N VAL B 85 -30.61 22.37 -22.69
CA VAL B 85 -30.19 21.00 -22.96
C VAL B 85 -30.19 20.74 -24.46
N GLY B 86 -29.25 19.91 -24.91
CA GLY B 86 -29.17 19.58 -26.32
C GLY B 86 -30.31 18.64 -26.69
N SER B 87 -30.45 18.37 -27.98
CA SER B 87 -31.51 17.52 -28.48
C SER B 87 -31.36 16.03 -28.15
N LYS B 88 -30.15 15.62 -27.75
CA LYS B 88 -29.90 14.22 -27.44
C LYS B 88 -29.85 13.88 -25.95
N VAL B 89 -30.29 14.82 -25.11
CA VAL B 89 -30.29 14.61 -23.66
C VAL B 89 -31.51 13.78 -23.25
N LYS B 90 -31.28 12.75 -22.44
CA LYS B 90 -32.33 11.83 -22.04
C LYS B 90 -32.89 11.94 -20.62
N LYS B 91 -32.05 12.24 -19.64
CA LYS B 91 -32.55 12.29 -18.27
C LYS B 91 -32.63 13.60 -17.52
N VAL B 92 -32.33 14.72 -18.17
CA VAL B 92 -32.45 16.00 -17.47
C VAL B 92 -33.17 16.99 -18.35
N ASN B 93 -34.11 17.71 -17.74
CA ASN B 93 -34.85 18.72 -18.46
C ASN B 93 -34.53 20.09 -17.90
N VAL B 94 -34.80 21.12 -18.69
CA VAL B 94 -34.57 22.48 -18.25
C VAL B 94 -35.28 22.63 -16.91
N GLY B 95 -34.64 23.33 -15.97
CA GLY B 95 -35.25 23.53 -14.67
C GLY B 95 -34.88 22.49 -13.63
N ASP B 96 -34.16 21.44 -14.04
CA ASP B 96 -33.78 20.38 -13.10
C ASP B 96 -32.57 20.74 -12.24
N LYS B 97 -32.49 20.17 -11.05
CA LYS B 97 -31.37 20.41 -10.14
C LYS B 97 -30.26 19.42 -10.50
N VAL B 98 -29.13 19.94 -10.96
CA VAL B 98 -28.02 19.10 -11.35
C VAL B 98 -26.73 19.40 -10.60
N GLY B 99 -25.83 18.42 -10.62
CA GLY B 99 -24.56 18.57 -9.97
C GLY B 99 -23.43 18.16 -10.89
N VAL B 100 -22.25 18.72 -10.65
CA VAL B 100 -21.07 18.39 -11.42
C VAL B 100 -19.94 18.20 -10.41
N GLY B 101 -19.23 17.08 -10.52
CA GLY B 101 -18.14 16.80 -9.60
C GLY B 101 -16.77 17.10 -10.19
N CYS B 102 -15.81 16.24 -9.84
CA CYS B 102 -14.44 16.41 -10.30
C CYS B 102 -14.18 16.07 -11.77
N LEU B 103 -15.11 15.37 -12.42
CA LEU B 103 -14.96 14.98 -13.82
C LEU B 103 -15.93 15.67 -14.79
N VAL B 104 -15.47 15.94 -16.01
CA VAL B 104 -16.28 16.55 -17.05
C VAL B 104 -16.02 15.84 -18.38
N GLY B 105 -15.08 14.89 -18.37
CA GLY B 105 -14.74 14.16 -19.58
C GLY B 105 -13.81 12.99 -19.36
N ALA B 106 -13.46 12.29 -20.44
CA ALA B 106 -12.58 11.13 -20.43
C ALA B 106 -12.54 10.54 -21.84
N CYS B 107 -11.76 9.47 -22.06
CA CYS B 107 -11.66 8.93 -23.42
C CYS B 107 -12.91 8.21 -23.91
N HIS B 108 -13.68 7.64 -23.01
CA HIS B 108 -14.91 6.95 -23.39
C HIS B 108 -14.64 5.82 -24.37
N SER B 109 -13.47 5.21 -24.27
CA SER B 109 -13.14 4.12 -25.18
C SER B 109 -11.96 3.29 -24.69
N CYS B 110 -12.08 2.84 -23.45
CA CYS B 110 -11.06 2.00 -22.84
C CYS B 110 -11.78 1.21 -21.76
N GLU B 111 -11.06 0.29 -21.12
CA GLU B 111 -11.64 -0.53 -20.07
C GLU B 111 -12.15 0.19 -18.84
N SER B 112 -11.42 1.18 -18.35
CA SER B 112 -11.91 1.86 -17.15
C SER B 112 -13.17 2.67 -17.47
N CYS B 113 -13.23 3.29 -18.64
CA CYS B 113 -14.43 4.06 -19.03
C CYS B 113 -15.59 3.11 -19.27
N ALA B 114 -15.31 1.99 -19.94
CA ALA B 114 -16.32 0.99 -20.23
C ALA B 114 -16.80 0.32 -18.95
N ASN B 115 -16.05 0.49 -17.87
CA ASN B 115 -16.43 -0.08 -16.57
C ASN B 115 -16.84 1.04 -15.62
N ASP B 116 -17.33 2.13 -16.18
CA ASP B 116 -17.77 3.27 -15.40
C ASP B 116 -16.70 3.84 -14.47
N LEU B 117 -15.43 3.75 -14.85
CA LEU B 117 -14.37 4.33 -14.04
C LEU B 117 -13.67 5.42 -14.87
N GLU B 118 -14.42 6.44 -15.24
CA GLU B 118 -13.87 7.54 -16.01
C GLU B 118 -12.76 8.17 -15.17
N ASN B 119 -12.95 8.16 -13.86
CA ASN B 119 -11.97 8.72 -12.94
C ASN B 119 -10.58 8.08 -13.04
N TYR B 120 -10.52 6.84 -13.49
CA TYR B 120 -9.24 6.15 -13.63
C TYR B 120 -8.77 6.05 -15.08
N CYS B 121 -9.41 6.83 -15.95
CA CYS B 121 -9.04 6.86 -17.37
C CYS B 121 -7.77 7.67 -17.48
N PRO B 122 -6.85 7.24 -18.36
CA PRO B 122 -5.60 7.98 -18.55
C PRO B 122 -5.80 9.32 -19.24
N LYS B 123 -6.91 9.45 -19.96
CA LYS B 123 -7.24 10.71 -20.65
C LYS B 123 -8.39 11.41 -19.93
N MET B 124 -8.63 11.01 -18.67
CA MET B 124 -9.70 11.61 -17.88
C MET B 124 -9.53 13.11 -17.86
N ILE B 125 -10.64 13.84 -17.84
CA ILE B 125 -10.59 15.30 -17.84
C ILE B 125 -11.11 15.87 -16.53
N LEU B 126 -10.30 16.71 -15.88
CA LEU B 126 -10.70 17.34 -14.63
C LEU B 126 -11.55 18.61 -14.88
N THR B 127 -12.50 18.84 -14.00
CA THR B 127 -13.40 19.97 -14.10
C THR B 127 -12.66 21.31 -14.24
N TYR B 128 -11.46 21.42 -13.65
CA TYR B 128 -10.69 22.65 -13.76
C TYR B 128 -9.18 22.40 -13.82
N ALA B 129 -8.48 23.26 -14.55
CA ALA B 129 -7.03 23.18 -14.74
C ALA B 129 -6.65 21.97 -15.57
N SER B 130 -7.48 21.63 -16.54
CA SER B 130 -7.22 20.50 -17.41
C SER B 130 -7.57 20.90 -18.84
N ILE B 131 -7.19 20.05 -19.80
CA ILE B 131 -7.49 20.33 -21.19
C ILE B 131 -8.68 19.50 -21.67
N TYR B 132 -9.69 20.20 -22.17
CA TYR B 132 -10.90 19.58 -22.66
C TYR B 132 -10.73 18.98 -24.06
N HIS B 133 -11.71 18.17 -24.47
CA HIS B 133 -11.71 17.53 -25.77
C HIS B 133 -11.45 18.51 -26.91
N ASP B 134 -11.84 19.78 -26.74
CA ASP B 134 -11.61 20.76 -27.79
C ASP B 134 -10.29 21.50 -27.56
N GLY B 135 -9.44 20.92 -26.73
CA GLY B 135 -8.15 21.51 -26.44
C GLY B 135 -8.13 22.83 -25.70
N THR B 136 -9.20 23.16 -24.98
CA THR B 136 -9.23 24.40 -24.22
C THR B 136 -9.15 24.08 -22.73
N ILE B 137 -8.61 25.02 -21.97
CA ILE B 137 -8.46 24.82 -20.54
C ILE B 137 -9.85 24.80 -19.89
N THR B 138 -10.01 23.98 -18.84
CA THR B 138 -11.29 23.92 -18.14
C THR B 138 -11.28 24.77 -16.88
N TYR B 139 -12.37 25.51 -16.67
CA TYR B 139 -12.53 26.36 -15.47
C TYR B 139 -13.71 25.80 -14.70
N GLY B 140 -13.53 25.71 -13.38
CA GLY B 140 -14.53 25.13 -12.50
C GLY B 140 -15.79 25.89 -12.10
N GLY B 141 -16.34 25.44 -10.97
CA GLY B 141 -17.58 25.98 -10.42
C GLY B 141 -17.65 27.35 -9.79
N TYR B 142 -16.52 28.01 -9.52
CA TYR B 142 -16.58 29.35 -8.95
C TYR B 142 -16.92 30.28 -10.11
N SER B 143 -18.05 29.99 -10.76
CA SER B 143 -18.51 30.75 -11.93
C SER B 143 -20.05 30.84 -12.00
N ASN B 144 -20.56 31.62 -12.96
CA ASN B 144 -22.00 31.82 -13.12
C ASN B 144 -22.78 30.65 -13.71
N HIS B 145 -22.44 30.23 -14.92
CA HIS B 145 -23.10 29.08 -15.52
C HIS B 145 -22.07 27.99 -15.77
N MET B 146 -22.54 26.82 -16.18
CA MET B 146 -21.67 25.68 -16.41
C MET B 146 -22.28 24.77 -17.47
N VAL B 147 -21.46 24.00 -18.17
CA VAL B 147 -21.98 23.09 -19.18
C VAL B 147 -21.13 21.83 -19.30
N ALA B 148 -21.79 20.69 -19.25
CA ALA B 148 -21.08 19.42 -19.35
C ALA B 148 -21.92 18.38 -20.07
N ASN B 149 -21.25 17.43 -20.71
CA ASN B 149 -21.91 16.34 -21.41
C ASN B 149 -22.77 15.62 -20.39
N GLU B 150 -23.91 15.11 -20.84
CA GLU B 150 -24.84 14.43 -19.96
C GLU B 150 -24.20 13.37 -19.05
N ARG B 151 -23.18 12.70 -19.57
CA ARG B 151 -22.52 11.66 -18.79
C ARG B 151 -22.01 12.15 -17.43
N TYR B 152 -21.51 13.38 -17.39
CA TYR B 152 -20.94 13.93 -16.18
C TYR B 152 -21.87 14.79 -15.35
N ILE B 153 -23.17 14.66 -15.58
CA ILE B 153 -24.19 15.41 -14.87
C ILE B 153 -24.84 14.52 -13.82
N ILE B 154 -24.82 14.97 -12.58
CA ILE B 154 -25.42 14.21 -11.50
C ILE B 154 -26.78 14.81 -11.19
N ARG B 155 -27.81 13.97 -11.25
CA ARG B 155 -29.18 14.40 -11.01
C ARG B 155 -29.46 14.47 -9.51
N PHE B 156 -29.67 15.67 -9.00
CA PHE B 156 -29.94 15.86 -7.58
C PHE B 156 -31.29 15.31 -7.14
N PRO B 157 -31.30 14.53 -6.05
CA PRO B 157 -32.55 13.95 -5.54
C PRO B 157 -33.45 15.01 -4.90
N ASP B 158 -34.75 14.87 -5.12
CA ASP B 158 -35.75 15.80 -4.59
C ASP B 158 -35.50 16.22 -3.13
N ASN B 159 -35.28 15.25 -2.24
CA ASN B 159 -35.05 15.53 -0.83
C ASN B 159 -33.58 15.84 -0.49
N MET B 160 -32.87 16.48 -1.41
CA MET B 160 -31.47 16.82 -1.19
C MET B 160 -31.21 18.32 -1.32
N PRO B 161 -30.81 18.98 -0.22
CA PRO B 161 -30.53 20.42 -0.29
C PRO B 161 -29.36 20.72 -1.22
N LEU B 162 -29.51 21.73 -2.06
CA LEU B 162 -28.48 22.08 -3.02
C LEU B 162 -27.16 22.53 -2.38
N ASP B 163 -27.24 23.33 -1.33
CA ASP B 163 -26.01 23.81 -0.69
C ASP B 163 -25.31 22.72 0.15
N GLY B 164 -26.07 22.01 0.97
CA GLY B 164 -25.51 20.97 1.81
C GLY B 164 -25.15 19.68 1.10
N GLY B 165 -25.58 19.55 -0.14
CA GLY B 165 -25.27 18.36 -0.89
C GLY B 165 -24.15 18.55 -1.90
N ALA B 166 -23.77 19.81 -2.11
CA ALA B 166 -22.70 20.13 -3.06
C ALA B 166 -21.40 19.40 -2.75
N PRO B 167 -20.97 19.39 -1.48
CA PRO B 167 -19.71 18.68 -1.26
C PRO B 167 -19.77 17.17 -1.47
N LEU B 168 -20.96 16.60 -1.54
CA LEU B 168 -21.05 15.16 -1.77
C LEU B 168 -20.50 14.84 -3.15
N LEU B 169 -20.59 15.82 -4.05
CA LEU B 169 -20.12 15.66 -5.42
C LEU B 169 -18.63 15.34 -5.54
N CYS B 170 -17.87 15.61 -4.49
CA CYS B 170 -16.46 15.27 -4.48
C CYS B 170 -16.10 14.63 -3.15
N ALA B 171 -16.25 15.40 -2.07
CA ALA B 171 -15.96 14.89 -0.74
C ALA B 171 -16.78 13.63 -0.52
N GLY B 172 -18.04 13.68 -0.96
CA GLY B 172 -18.93 12.54 -0.80
C GLY B 172 -18.44 11.25 -1.44
N ILE B 173 -18.31 11.26 -2.77
CA ILE B 173 -17.87 10.10 -3.54
C ILE B 173 -16.46 9.61 -3.18
N THR B 174 -15.55 10.55 -2.87
CA THR B 174 -14.18 10.19 -2.51
C THR B 174 -14.05 9.24 -1.30
N VAL B 175 -14.93 9.37 -0.32
CA VAL B 175 -14.86 8.50 0.84
C VAL B 175 -15.78 7.29 0.65
N TYR B 176 -16.86 7.49 -0.11
CA TYR B 176 -17.82 6.44 -0.36
C TYR B 176 -17.22 5.35 -1.23
N SER B 177 -16.51 5.74 -2.30
CA SER B 177 -15.92 4.77 -3.22
C SER B 177 -15.04 3.73 -2.53
N PRO B 178 -14.05 4.16 -1.74
CA PRO B 178 -13.15 3.23 -1.05
C PRO B 178 -13.92 2.30 -0.10
N LEU B 179 -14.91 2.86 0.59
CA LEU B 179 -15.70 2.11 1.53
C LEU B 179 -16.32 0.90 0.87
N LYS B 180 -16.80 1.08 -0.35
CA LYS B 180 -17.42 -0.02 -1.09
C LYS B 180 -16.38 -0.91 -1.77
N TYR B 181 -15.44 -0.28 -2.48
CA TYR B 181 -14.40 -0.99 -3.21
C TYR B 181 -13.48 -1.90 -2.37
N PHE B 182 -13.16 -1.48 -1.15
CA PHE B 182 -12.29 -2.29 -0.28
C PHE B 182 -13.06 -3.09 0.80
N GLY B 183 -14.36 -3.27 0.59
CA GLY B 183 -15.18 -4.03 1.51
C GLY B 183 -15.35 -3.54 2.94
N LEU B 184 -15.32 -2.23 3.15
CA LEU B 184 -15.46 -1.66 4.50
C LEU B 184 -16.87 -1.10 4.70
N ASP B 185 -17.78 -1.51 3.83
CA ASP B 185 -19.18 -1.06 3.85
C ASP B 185 -20.15 -2.05 4.49
N GLU B 186 -19.94 -2.37 5.76
CA GLU B 186 -20.84 -3.30 6.42
C GLU B 186 -20.67 -3.40 7.93
N PRO B 187 -21.77 -3.69 8.64
CA PRO B 187 -21.77 -3.81 10.09
C PRO B 187 -20.70 -4.81 10.53
N GLY B 188 -20.17 -4.65 11.73
CA GLY B 188 -19.16 -5.58 12.17
C GLY B 188 -17.77 -5.04 11.90
N LYS B 189 -17.59 -4.50 10.71
CA LYS B 189 -16.32 -3.91 10.35
C LYS B 189 -16.13 -2.72 11.28
N HIS B 190 -14.92 -2.54 11.79
CA HIS B 190 -14.65 -1.42 12.67
C HIS B 190 -13.79 -0.50 11.83
N ILE B 191 -14.38 0.61 11.38
CA ILE B 191 -13.69 1.55 10.51
C ILE B 191 -13.10 2.75 11.22
N GLY B 192 -12.02 3.28 10.65
CA GLY B 192 -11.40 4.46 11.22
C GLY B 192 -11.31 5.53 10.17
N ILE B 193 -11.46 6.78 10.57
CA ILE B 193 -11.38 7.92 9.66
C ILE B 193 -10.35 8.89 10.24
N VAL B 194 -9.33 9.24 9.48
CA VAL B 194 -8.30 10.17 9.97
C VAL B 194 -8.50 11.55 9.37
N GLY B 195 -8.62 12.56 10.24
CA GLY B 195 -8.81 13.92 9.77
C GLY B 195 -10.30 14.24 9.61
N LEU B 196 -10.89 14.80 10.65
CA LEU B 196 -12.31 15.14 10.63
C LEU B 196 -12.54 16.48 9.93
N GLY B 197 -12.38 16.49 8.61
CA GLY B 197 -12.58 17.71 7.83
C GLY B 197 -13.65 17.55 6.77
N GLY B 198 -13.49 18.25 5.66
CA GLY B 198 -14.46 18.17 4.57
C GLY B 198 -14.88 16.75 4.23
N LEU B 199 -13.90 15.91 3.90
CA LEU B 199 -14.17 14.51 3.55
C LEU B 199 -14.40 13.65 4.80
N GLY B 200 -13.67 13.97 5.86
CA GLY B 200 -13.77 13.24 7.10
C GLY B 200 -15.15 13.12 7.70
N HIS B 201 -15.73 14.26 8.11
CA HIS B 201 -17.04 14.22 8.73
C HIS B 201 -18.08 13.50 7.87
N VAL B 202 -17.96 13.64 6.55
CA VAL B 202 -18.88 12.98 5.64
C VAL B 202 -18.55 11.49 5.58
N ALA B 203 -17.27 11.17 5.70
CA ALA B 203 -16.84 9.79 5.68
C ALA B 203 -17.50 9.07 6.85
N VAL B 204 -17.56 9.74 8.01
CA VAL B 204 -18.17 9.18 9.20
C VAL B 204 -19.63 8.81 8.99
N LYS B 205 -20.40 9.75 8.42
CA LYS B 205 -21.82 9.52 8.19
C LYS B 205 -22.07 8.29 7.33
N PHE B 206 -21.43 8.22 6.17
CA PHE B 206 -21.61 7.06 5.30
C PHE B 206 -21.27 5.81 6.09
N ALA B 207 -20.13 5.83 6.76
CA ALA B 207 -19.70 4.69 7.56
C ALA B 207 -20.79 4.24 8.53
N LYS B 208 -21.25 5.15 9.38
CA LYS B 208 -22.31 4.82 10.35
C LYS B 208 -23.52 4.31 9.59
N ALA B 209 -23.82 4.94 8.46
CA ALA B 209 -24.96 4.54 7.65
C ALA B 209 -24.82 3.09 7.19
N PHE B 210 -23.60 2.65 6.92
CA PHE B 210 -23.39 1.27 6.49
C PHE B 210 -23.55 0.31 7.67
N GLY B 211 -23.64 0.88 8.87
CA GLY B 211 -23.80 0.06 10.07
C GLY B 211 -22.50 -0.21 10.80
N SER B 212 -21.39 0.14 10.16
CA SER B 212 -20.06 -0.06 10.72
C SER B 212 -19.86 0.68 12.04
N LYS B 213 -18.85 0.26 12.79
CA LYS B 213 -18.52 0.95 14.03
C LYS B 213 -17.43 1.90 13.58
N VAL B 214 -17.36 3.10 14.16
CA VAL B 214 -16.36 4.05 13.69
C VAL B 214 -15.44 4.64 14.73
N THR B 215 -14.19 4.84 14.34
CA THR B 215 -13.20 5.46 15.20
C THR B 215 -12.72 6.69 14.44
N VAL B 216 -12.69 7.84 15.10
CA VAL B 216 -12.23 9.07 14.48
C VAL B 216 -10.87 9.44 15.07
N ILE B 217 -9.87 9.56 14.19
CA ILE B 217 -8.52 9.93 14.61
C ILE B 217 -8.36 11.38 14.15
N SER B 218 -8.19 12.28 15.12
CA SER B 218 -8.09 13.71 14.83
C SER B 218 -6.94 14.37 15.60
N THR B 219 -6.58 15.58 15.19
CA THR B 219 -5.52 16.34 15.86
C THR B 219 -6.14 17.52 16.61
N SER B 220 -7.47 17.63 16.51
CA SER B 220 -8.23 18.69 17.17
C SER B 220 -9.15 18.13 18.24
N PRO B 221 -8.69 18.14 19.50
CA PRO B 221 -9.50 17.62 20.62
C PRO B 221 -10.85 18.29 20.74
N SER B 222 -10.95 19.55 20.29
CA SER B 222 -12.20 20.30 20.37
C SER B 222 -13.26 19.88 19.36
N LYS B 223 -13.04 18.74 18.69
CA LYS B 223 -14.01 18.22 17.72
C LYS B 223 -14.59 16.92 18.26
N LYS B 224 -14.03 16.47 19.38
CA LYS B 224 -14.43 15.22 20.02
C LYS B 224 -15.93 15.07 20.24
N GLU B 225 -16.60 16.17 20.54
CA GLU B 225 -18.03 16.11 20.80
C GLU B 225 -18.89 16.10 19.54
N GLU B 226 -18.65 17.02 18.61
CA GLU B 226 -19.43 17.05 17.39
C GLU B 226 -19.36 15.69 16.73
N ALA B 227 -18.19 15.08 16.81
CA ALA B 227 -17.93 13.76 16.24
C ALA B 227 -18.78 12.69 16.93
N LEU B 228 -18.64 12.59 18.25
CA LEU B 228 -19.36 11.60 19.07
C LEU B 228 -20.88 11.79 19.16
N LYS B 229 -21.31 12.98 19.60
CA LYS B 229 -22.73 13.28 19.78
C LYS B 229 -23.52 13.47 18.46
N ASN B 230 -22.96 14.23 17.53
CA ASN B 230 -23.64 14.53 16.26
C ASN B 230 -23.39 13.61 15.06
N PHE B 231 -22.13 13.24 14.81
CA PHE B 231 -21.82 12.35 13.69
C PHE B 231 -22.05 10.88 14.08
N GLY B 232 -21.95 10.58 15.37
CA GLY B 232 -22.18 9.24 15.84
C GLY B 232 -20.96 8.33 15.88
N ALA B 233 -19.77 8.92 15.96
CA ALA B 233 -18.56 8.13 16.01
C ALA B 233 -18.58 7.35 17.31
N ASP B 234 -18.16 6.09 17.25
CA ASP B 234 -18.15 5.22 18.42
C ASP B 234 -16.90 5.46 19.24
N SER B 235 -15.97 6.25 18.70
CA SER B 235 -14.73 6.51 19.41
C SER B 235 -13.92 7.63 18.77
N PHE B 236 -13.38 8.51 19.61
CA PHE B 236 -12.59 9.64 19.16
C PHE B 236 -11.18 9.46 19.71
N LEU B 237 -10.17 9.75 18.89
CA LEU B 237 -8.79 9.60 19.31
C LEU B 237 -7.96 10.81 18.85
N VAL B 238 -7.10 11.30 19.74
CA VAL B 238 -6.24 12.43 19.43
C VAL B 238 -4.88 11.93 18.97
N SER B 239 -4.68 11.92 17.65
CA SER B 239 -3.43 11.45 17.06
C SER B 239 -2.17 11.68 17.89
N ARG B 240 -1.99 12.87 18.45
CA ARG B 240 -0.78 13.14 19.22
C ARG B 240 -0.90 12.80 20.70
N ASP B 241 -1.47 11.63 20.98
CA ASP B 241 -1.64 11.16 22.35
C ASP B 241 -1.25 9.68 22.39
N GLN B 242 0.03 9.42 22.64
CA GLN B 242 0.55 8.05 22.69
C GLN B 242 -0.37 7.10 23.41
N GLU B 243 -0.56 7.34 24.70
CA GLU B 243 -1.40 6.49 25.53
C GLU B 243 -2.76 6.22 24.90
N GLN B 244 -3.39 7.26 24.37
CA GLN B 244 -4.71 7.11 23.75
C GLN B 244 -4.64 6.21 22.52
N MET B 245 -3.75 6.56 21.58
CA MET B 245 -3.57 5.79 20.36
C MET B 245 -3.16 4.35 20.65
N GLN B 246 -2.19 4.20 21.55
CA GLN B 246 -1.67 2.91 21.95
C GLN B 246 -2.79 1.93 22.31
N ALA B 247 -3.70 2.39 23.16
CA ALA B 247 -4.82 1.57 23.62
C ALA B 247 -5.66 1.00 22.47
N ALA B 248 -5.86 1.80 21.44
CA ALA B 248 -6.67 1.37 20.29
C ALA B 248 -5.87 0.64 19.21
N ALA B 249 -4.69 0.15 19.56
CA ALA B 249 -3.88 -0.57 18.59
C ALA B 249 -4.61 -1.81 18.06
N GLY B 250 -4.32 -2.19 16.83
CA GLY B 250 -4.93 -3.35 16.21
C GLY B 250 -6.43 -3.53 16.38
N THR B 251 -7.20 -2.45 16.27
CA THR B 251 -8.65 -2.56 16.42
C THR B 251 -9.47 -2.16 15.18
N LEU B 252 -8.81 -1.77 14.10
CA LEU B 252 -9.55 -1.34 12.91
C LEU B 252 -9.37 -2.22 11.67
N ASP B 253 -10.48 -2.61 11.04
CA ASP B 253 -10.43 -3.43 9.84
C ASP B 253 -9.86 -2.64 8.65
N GLY B 254 -10.10 -1.33 8.67
CA GLY B 254 -9.62 -0.46 7.62
C GLY B 254 -9.73 1.00 8.04
N ILE B 255 -9.01 1.87 7.35
CA ILE B 255 -9.01 3.31 7.63
C ILE B 255 -9.03 4.15 6.35
N ILE B 256 -9.80 5.24 6.38
CA ILE B 256 -9.89 6.17 5.26
C ILE B 256 -9.09 7.38 5.76
N ASP B 257 -7.96 7.67 5.13
CA ASP B 257 -7.11 8.79 5.56
C ASP B 257 -7.36 9.99 4.66
N THR B 258 -7.93 11.04 5.23
CA THR B 258 -8.25 12.23 4.48
C THR B 258 -7.32 13.40 4.71
N VAL B 259 -6.29 13.20 5.52
CA VAL B 259 -5.34 14.27 5.85
C VAL B 259 -4.72 15.01 4.65
N SER B 260 -4.82 16.34 4.67
CA SER B 260 -4.30 17.18 3.58
C SER B 260 -2.84 17.58 3.73
N ALA B 261 -2.09 16.88 4.56
CA ALA B 261 -0.68 17.21 4.75
C ALA B 261 0.09 16.01 5.28
N VAL B 262 1.42 16.12 5.29
CA VAL B 262 2.26 15.03 5.78
C VAL B 262 1.94 14.75 7.23
N HIS B 263 1.89 13.48 7.58
CA HIS B 263 1.57 13.06 8.94
C HIS B 263 2.13 11.65 9.15
N PRO B 264 2.35 11.26 10.41
CA PRO B 264 2.89 9.93 10.75
C PRO B 264 1.95 8.80 10.33
N LEU B 265 2.51 7.76 9.71
CA LEU B 265 1.71 6.63 9.27
C LEU B 265 1.84 5.44 10.21
N LEU B 266 3.01 5.33 10.85
CA LEU B 266 3.27 4.23 11.77
C LEU B 266 2.12 4.06 12.77
N PRO B 267 1.60 5.18 13.33
CA PRO B 267 0.50 5.14 14.29
C PRO B 267 -0.81 4.59 13.72
N LEU B 268 -1.00 4.77 12.41
CA LEU B 268 -2.20 4.29 11.75
C LEU B 268 -2.09 2.79 11.53
N PHE B 269 -0.90 2.33 11.16
CA PHE B 269 -0.71 0.89 10.98
C PHE B 269 -0.84 0.25 12.36
N GLY B 270 -0.48 1.02 13.39
CA GLY B 270 -0.59 0.52 14.75
C GLY B 270 -2.04 0.20 15.08
N LEU B 271 -2.97 1.04 14.65
CA LEU B 271 -4.39 0.85 14.91
C LEU B 271 -5.02 -0.25 14.04
N LEU B 272 -4.36 -0.61 12.95
CA LEU B 272 -4.90 -1.62 12.05
C LEU B 272 -4.70 -3.05 12.53
N LYS B 273 -5.67 -3.90 12.23
CA LYS B 273 -5.61 -5.31 12.60
C LYS B 273 -4.68 -6.01 11.62
N SER B 274 -4.43 -7.28 11.86
CA SER B 274 -3.61 -8.05 10.96
C SER B 274 -4.40 -8.01 9.65
N HIS B 275 -3.70 -7.74 8.54
CA HIS B 275 -4.33 -7.64 7.22
C HIS B 275 -5.25 -6.45 7.01
N GLY B 276 -5.20 -5.48 7.93
CA GLY B 276 -6.03 -4.30 7.82
C GLY B 276 -5.64 -3.43 6.63
N LYS B 277 -6.50 -2.51 6.25
CA LYS B 277 -6.19 -1.65 5.10
C LYS B 277 -6.21 -0.16 5.39
N LEU B 278 -5.16 0.52 4.93
CA LEU B 278 -5.03 1.96 5.09
C LEU B 278 -5.35 2.52 3.71
N ILE B 279 -6.37 3.38 3.64
CA ILE B 279 -6.75 3.96 2.36
C ILE B 279 -6.49 5.45 2.33
N LEU B 280 -5.54 5.87 1.51
CA LEU B 280 -5.21 7.29 1.41
C LEU B 280 -6.05 7.99 0.35
N VAL B 281 -6.80 8.99 0.79
CA VAL B 281 -7.60 9.78 -0.14
C VAL B 281 -7.11 11.22 -0.10
N GLY B 282 -6.36 11.56 0.95
CA GLY B 282 -5.80 12.89 1.10
C GLY B 282 -4.62 13.00 0.16
N ALA B 283 -4.42 14.17 -0.44
CA ALA B 283 -3.33 14.36 -1.38
C ALA B 283 -2.23 15.29 -0.87
N PRO B 284 -1.51 14.89 0.19
CA PRO B 284 -0.43 15.70 0.76
C PRO B 284 0.50 16.31 -0.29
N GLU B 285 1.28 17.28 0.14
CA GLU B 285 2.18 17.96 -0.76
C GLU B 285 3.49 17.17 -0.92
N LYS B 286 3.92 16.54 0.17
CA LYS B 286 5.15 15.78 0.15
C LYS B 286 4.87 14.32 0.44
N PRO B 287 5.76 13.44 0.01
CA PRO B 287 5.56 12.00 0.25
C PRO B 287 5.49 11.68 1.75
N LEU B 288 4.87 10.56 2.07
CA LEU B 288 4.72 10.13 3.46
C LEU B 288 5.78 9.09 3.77
N GLU B 289 6.15 8.96 5.03
CA GLU B 289 7.15 7.97 5.42
C GLU B 289 6.50 6.60 5.52
N LEU B 290 7.14 5.59 4.94
CA LEU B 290 6.59 4.24 4.97
C LEU B 290 7.58 3.18 5.45
N PRO B 291 7.49 2.78 6.73
CA PRO B 291 8.39 1.76 7.24
C PRO B 291 7.86 0.41 6.74
N ALA B 292 8.65 -0.26 5.92
CA ALA B 292 8.27 -1.55 5.33
C ALA B 292 7.76 -2.55 6.35
N PHE B 293 8.43 -2.63 7.48
CA PHE B 293 8.02 -3.56 8.52
C PHE B 293 6.55 -3.42 8.90
N SER B 294 6.03 -2.20 8.90
CA SER B 294 4.64 -1.96 9.24
C SER B 294 3.69 -2.75 8.37
N LEU B 295 4.07 -2.95 7.11
CA LEU B 295 3.23 -3.71 6.19
C LEU B 295 3.59 -5.17 6.24
N ILE B 296 4.87 -5.47 6.24
CA ILE B 296 5.35 -6.84 6.28
C ILE B 296 4.88 -7.55 7.55
N ALA B 297 5.09 -6.90 8.69
CA ALA B 297 4.72 -7.46 9.98
C ALA B 297 3.40 -8.22 9.95
N GLY B 298 2.36 -7.64 9.36
CA GLY B 298 1.07 -8.31 9.30
C GLY B 298 0.37 -8.23 7.96
N ARG B 299 1.15 -8.33 6.89
CA ARG B 299 0.64 -8.28 5.52
C ARG B 299 -0.47 -7.23 5.37
N LYS B 300 -0.13 -6.00 5.70
CA LYS B 300 -1.08 -4.89 5.61
C LYS B 300 -1.01 -4.15 4.27
N ILE B 301 -2.09 -3.46 3.96
CA ILE B 301 -2.19 -2.72 2.71
C ILE B 301 -2.29 -1.22 2.86
N VAL B 302 -1.76 -0.52 1.87
CA VAL B 302 -1.80 0.93 1.81
C VAL B 302 -2.31 1.15 0.39
N ALA B 303 -3.54 1.61 0.26
CA ALA B 303 -4.10 1.82 -1.06
C ALA B 303 -4.42 3.28 -1.30
N GLY B 304 -4.53 3.65 -2.57
CA GLY B 304 -4.87 5.00 -2.89
C GLY B 304 -6.24 4.96 -3.53
N SER B 305 -6.96 6.07 -3.48
CA SER B 305 -8.28 6.12 -4.11
C SER B 305 -8.69 7.55 -4.44
N GLY B 306 -9.11 7.77 -5.68
CA GLY B 306 -9.51 9.11 -6.09
C GLY B 306 -10.94 9.22 -6.59
N ILE B 307 -11.74 10.04 -5.91
CA ILE B 307 -13.15 10.24 -6.25
C ILE B 307 -13.79 8.93 -6.70
N GLY B 308 -14.65 8.99 -7.72
CA GLY B 308 -15.30 7.78 -8.20
C GLY B 308 -15.77 7.90 -9.64
N GLY B 309 -16.43 6.86 -10.14
CA GLY B 309 -16.94 6.89 -11.50
C GLY B 309 -18.28 7.60 -11.53
N MET B 310 -18.74 7.98 -12.71
CA MET B 310 -20.02 8.68 -12.81
C MET B 310 -21.17 7.90 -12.21
N LYS B 311 -21.30 6.63 -12.60
CA LYS B 311 -22.35 5.75 -12.11
C LYS B 311 -22.34 5.71 -10.59
N GLU B 312 -21.18 5.42 -10.00
CA GLU B 312 -21.10 5.33 -8.54
C GLU B 312 -21.35 6.68 -7.87
N THR B 313 -21.09 7.78 -8.58
CA THR B 313 -21.33 9.09 -7.99
C THR B 313 -22.83 9.30 -7.85
N GLN B 314 -23.57 8.91 -8.88
CA GLN B 314 -25.01 9.05 -8.85
C GLN B 314 -25.57 8.18 -7.75
N GLU B 315 -25.02 6.98 -7.60
CA GLU B 315 -25.49 6.06 -6.57
C GLU B 315 -25.18 6.61 -5.20
N MET B 316 -23.98 7.15 -5.06
CA MET B 316 -23.55 7.73 -3.80
C MET B 316 -24.56 8.77 -3.29
N ILE B 317 -24.95 9.70 -4.15
CA ILE B 317 -25.89 10.75 -3.74
C ILE B 317 -27.30 10.22 -3.53
N ASP B 318 -27.68 9.17 -4.28
CA ASP B 318 -28.99 8.57 -4.09
C ASP B 318 -28.97 7.88 -2.74
N PHE B 319 -27.80 7.37 -2.35
CA PHE B 319 -27.65 6.69 -1.06
C PHE B 319 -27.75 7.72 0.05
N ALA B 320 -27.05 8.83 -0.13
CA ALA B 320 -27.04 9.91 0.86
C ALA B 320 -28.45 10.42 1.09
N ALA B 321 -29.18 10.66 0.00
CA ALA B 321 -30.55 11.16 0.07
C ALA B 321 -31.44 10.25 0.92
N LYS B 322 -31.40 8.95 0.63
CA LYS B 322 -32.20 8.01 1.39
C LYS B 322 -31.77 7.94 2.85
N HIS B 323 -30.51 8.26 3.12
CA HIS B 323 -30.03 8.18 4.50
C HIS B 323 -29.89 9.49 5.24
N ASN B 324 -30.50 10.55 4.70
CA ASN B 324 -30.44 11.87 5.32
C ASN B 324 -28.99 12.20 5.64
N ILE B 325 -28.21 12.35 4.58
CA ILE B 325 -26.81 12.66 4.71
C ILE B 325 -26.48 13.88 3.87
N THR B 326 -25.89 14.88 4.52
CA THR B 326 -25.49 16.11 3.85
C THR B 326 -24.24 16.55 4.57
N ALA B 327 -23.52 17.50 3.99
CA ALA B 327 -22.33 17.95 4.65
C ALA B 327 -22.73 19.02 5.64
N ASP B 328 -21.91 19.20 6.66
CA ASP B 328 -22.15 20.25 7.65
C ASP B 328 -21.40 21.40 7.00
N ILE B 329 -22.14 22.40 6.54
CA ILE B 329 -21.52 23.50 5.86
C ILE B 329 -21.65 24.86 6.51
N GLU B 330 -20.95 25.81 5.90
CA GLU B 330 -20.95 27.21 6.26
C GLU B 330 -21.01 27.95 4.92
N VAL B 331 -22.17 28.54 4.63
CA VAL B 331 -22.36 29.25 3.37
C VAL B 331 -21.71 30.63 3.41
N ILE B 332 -20.96 30.93 2.36
CA ILE B 332 -20.25 32.19 2.28
C ILE B 332 -20.52 32.92 0.98
N SER B 333 -20.36 34.24 1.02
CA SER B 333 -20.55 35.07 -0.16
C SER B 333 -19.32 34.87 -1.03
N THR B 334 -19.45 35.20 -2.30
CA THR B 334 -18.33 35.02 -3.21
C THR B 334 -17.15 35.90 -2.79
N ASP B 335 -17.43 37.14 -2.42
CA ASP B 335 -16.39 38.07 -2.01
C ASP B 335 -15.66 37.70 -0.72
N TYR B 336 -16.02 36.57 -0.14
CA TYR B 336 -15.39 36.08 1.08
C TYR B 336 -14.39 34.97 0.76
N LEU B 337 -14.25 34.66 -0.53
CA LEU B 337 -13.36 33.59 -0.98
C LEU B 337 -11.96 33.59 -0.40
N ASN B 338 -11.24 34.70 -0.51
CA ASN B 338 -9.88 34.78 0.01
C ASN B 338 -9.79 34.61 1.54
N THR B 339 -10.84 35.01 2.25
CA THR B 339 -10.85 34.87 3.70
C THR B 339 -11.19 33.43 4.03
N ALA B 340 -12.08 32.83 3.23
CA ALA B 340 -12.43 31.44 3.45
C ALA B 340 -11.22 30.56 3.11
N MET B 341 -10.48 30.94 2.07
CA MET B 341 -9.31 30.16 1.69
C MET B 341 -8.25 30.17 2.78
N GLU B 342 -8.14 31.30 3.48
CA GLU B 342 -7.16 31.42 4.55
C GLU B 342 -7.62 30.60 5.75
N ARG B 343 -8.93 30.58 5.97
CA ARG B 343 -9.47 29.83 7.09
C ARG B 343 -9.40 28.32 6.88
N LEU B 344 -9.60 27.88 5.64
CA LEU B 344 -9.53 26.47 5.32
C LEU B 344 -8.11 25.97 5.57
N ALA B 345 -7.15 26.77 5.12
CA ALA B 345 -5.74 26.46 5.28
C ALA B 345 -5.35 26.36 6.74
N LYS B 346 -6.15 26.98 7.61
CA LYS B 346 -5.88 26.96 9.04
C LYS B 346 -6.80 26.00 9.76
N ASN B 347 -7.41 25.10 9.01
CA ASN B 347 -8.31 24.12 9.60
C ASN B 347 -9.36 24.84 10.46
N ASP B 348 -9.88 25.94 9.94
CA ASP B 348 -10.87 26.74 10.66
C ASP B 348 -12.26 26.77 10.02
N VAL B 349 -12.73 25.64 9.51
CA VAL B 349 -14.07 25.59 8.93
C VAL B 349 -14.78 24.42 9.54
N ARG B 350 -15.91 24.65 10.17
CA ARG B 350 -16.57 23.50 10.74
C ARG B 350 -17.27 22.69 9.69
N TYR B 351 -16.36 22.07 8.93
CA TYR B 351 -16.59 21.13 7.86
C TYR B 351 -16.65 21.53 6.40
N ARG B 352 -17.45 22.49 5.98
CA ARG B 352 -17.43 22.77 4.55
C ARG B 352 -17.86 24.13 4.06
N PHE B 353 -16.92 24.90 3.53
CA PHE B 353 -17.29 26.19 2.99
C PHE B 353 -18.04 25.93 1.69
N VAL B 354 -19.13 26.66 1.50
CA VAL B 354 -19.93 26.51 0.30
C VAL B 354 -20.29 27.89 -0.21
N ILE B 355 -19.82 28.18 -1.42
CA ILE B 355 -20.08 29.46 -2.04
C ILE B 355 -21.54 29.54 -2.48
N ASP B 356 -22.20 30.63 -2.12
CA ASP B 356 -23.57 30.85 -2.54
C ASP B 356 -23.40 31.65 -3.82
N VAL B 357 -23.14 30.95 -4.92
CA VAL B 357 -22.90 31.60 -6.21
C VAL B 357 -24.12 32.23 -6.83
N GLY B 358 -25.27 31.58 -6.69
CA GLY B 358 -26.49 32.08 -7.27
C GLY B 358 -27.00 33.42 -6.74
N ASN B 359 -26.61 33.79 -5.52
CA ASN B 359 -27.05 35.05 -4.91
C ASN B 359 -25.95 36.06 -4.62
N THR B 360 -24.68 35.68 -4.80
CA THR B 360 -23.59 36.60 -4.50
C THR B 360 -22.48 36.78 -5.53
N LEU B 361 -22.43 35.97 -6.57
CA LEU B 361 -21.36 36.16 -7.53
C LEU B 361 -21.56 37.49 -8.27
N ALA B 362 -22.60 37.54 -9.09
CA ALA B 362 -22.93 38.71 -9.90
C ALA B 362 -22.72 40.06 -9.22
N ALA B 363 -22.87 40.12 -7.90
CA ALA B 363 -22.69 41.38 -7.18
C ALA B 363 -21.22 41.74 -7.04
N THR B 364 -20.34 40.82 -7.45
CA THR B 364 -18.91 41.08 -7.35
C THR B 364 -18.31 41.48 -8.68
N LYS B 365 -19.10 41.37 -9.74
CA LYS B 365 -18.64 41.73 -11.09
C LYS B 365 -18.53 43.26 -11.17
N PRO B 366 -17.31 43.78 -11.36
CA PRO B 366 -17.08 45.22 -11.44
C PRO B 366 -18.00 45.97 -12.41
ZN ZN C . 15.49 -14.75 5.40
ZN ZN D . -0.97 -17.82 17.05
PA NAP E . 20.51 -9.75 -1.37
O1A NAP E . 21.42 -8.84 -0.88
O2A NAP E . 20.85 -11.13 -1.83
O5B NAP E . 19.66 -9.16 -2.59
C5B NAP E . 19.19 -7.81 -2.46
C4B NAP E . 19.12 -7.49 -3.96
O4B NAP E . 18.67 -5.92 -4.11
C3B NAP E . 20.62 -6.92 -4.50
O3B NAP E . 20.95 -8.08 -5.42
C2B NAP E . 20.48 -5.84 -5.46
O2B NAP E . 19.80 -6.22 -6.64
C1B NAP E . 19.33 -5.03 -4.68
N9A NAP E . 19.95 -3.94 -3.89
C8A NAP E . 20.86 -3.97 -2.85
N7A NAP E . 21.17 -2.75 -2.39
C5A NAP E . 20.40 -1.90 -3.19
C6A NAP E . 20.28 -0.43 -3.19
N6A NAP E . 20.92 0.45 -2.38
N1A NAP E . 19.39 0.16 -4.14
C2A NAP E . 18.65 -0.67 -5.06
N3A NAP E . 18.75 -2.08 -5.07
C4A NAP E . 19.64 -2.66 -4.13
O3 NAP E . 19.38 -9.98 -0.28
PN NAP E . 18.37 -11.19 -0.19
O1N NAP E . 17.24 -11.29 -1.08
O2N NAP E . 18.65 -12.11 0.89
O5D NAP E . 17.45 -10.31 0.84
C5D NAP E . 16.75 -9.06 0.43
C4D NAP E . 15.90 -8.38 1.52
O4D NAP E . 14.68 -9.11 1.85
C3D NAP E . 16.54 -8.10 2.97
O3D NAP E . 16.16 -6.76 3.44
C2D NAP E . 15.93 -9.17 3.83
O2D NAP E . 16.03 -8.85 5.21
C1D NAP E . 14.57 -9.21 3.32
N1N NAP E . 13.75 -10.40 3.54
C2N NAP E . 12.39 -10.28 3.96
C3N NAP E . 11.63 -11.45 4.16
C7N NAP E . 10.18 -11.29 4.59
O7N NAP E . 9.55 -12.30 4.77
N7N NAP E . 9.67 -10.10 4.77
C4N NAP E . 12.21 -12.80 3.96
C5N NAP E . 13.58 -12.86 3.54
C6N NAP E . 14.39 -11.68 3.33
P2B NAP E . 20.23 -5.53 -8.13
O1X NAP E . 19.30 -6.22 -9.14
O2X NAP E . 19.95 -4.07 -7.93
O3X NAP E . 21.67 -5.92 -8.37
ZN ZN F . -10.97 5.95 -21.00
ZN ZN G . -12.30 17.79 -4.46
PA NAP H . -9.96 19.99 4.89
O1A NAP H . -8.91 20.89 5.02
O2A NAP H . -11.42 20.32 4.97
O5B NAP H . -9.86 18.76 5.91
C5B NAP H . -8.56 18.18 6.11
C4B NAP H . -8.81 17.64 7.52
O4B NAP H . -7.40 16.97 8.04
C3B NAP H . -8.44 18.84 8.66
O3B NAP H . -9.85 19.04 9.19
C2B NAP H . -7.79 18.28 9.84
O2B NAP H . -8.58 17.36 10.54
C1B NAP H . -6.78 17.32 9.06
N9A NAP H . -5.46 17.98 8.93
C8A NAP H . -5.09 19.17 8.29
N7A NAP H . -3.77 19.42 8.40
C5A NAP H . -3.28 18.32 9.16
C6A NAP H . -1.94 18.00 9.65
N6A NAP H . -0.80 18.72 9.46
N1A NAP H . -1.78 16.79 10.41
C2A NAP H . -2.90 15.94 10.69
N3A NAP H . -4.20 16.23 10.24
C4A NAP H . -4.35 17.44 9.48
O3 NAP H . -9.81 19.24 3.50
PN NAP H . -10.90 18.37 2.71
O1N NAP H . -11.34 17.10 3.22
O2N NAP H . -11.30 18.95 1.43
O5D NAP H . -9.67 17.65 1.88
C5D NAP H . -8.66 16.76 2.52
C4D NAP H . -7.61 16.26 1.52
O4D NAP H . -8.11 15.31 0.55
C3D NAP H . -6.86 17.34 0.64
O3D NAP H . -5.43 17.02 0.60
C2D NAP H . -7.51 17.20 -0.70
O2D NAP H . -6.71 17.75 -1.74
C1D NAP H . -7.67 15.75 -0.79
N1N NAP H . -8.71 15.18 -1.69
C2N NAP H . -8.47 13.97 -2.40
C3N NAP H . -9.46 13.44 -3.23
C7N NAP H . -9.17 12.13 -3.98
O7N NAP H . -10.04 11.71 -4.71
N7N NAP H . -8.03 11.53 -3.82
C4N NAP H . -10.74 14.12 -3.41
C5N NAP H . -10.95 15.34 -2.67
C6N NAP H . -9.94 15.89 -1.81
P2B NAP H . -8.46 17.26 12.23
O1X NAP H . -9.48 16.16 12.59
O2X NAP H . -7.03 16.87 12.46
O3X NAP H . -8.88 18.62 12.76
#